data_7LR8
#
_entry.id   7LR8
#
_cell.length_a   152.869
_cell.length_b   76.455
_cell.length_c   79.920
_cell.angle_alpha   90.000
_cell.angle_beta   117.240
_cell.angle_gamma   90.000
#
_symmetry.space_group_name_H-M   'C 1 2 1'
#
loop_
_entity.id
_entity.type
_entity.pdbx_description
1 polymer 'Uncharacterized protein ScGH5_18'
2 branched beta-D-mannopyranose-(1-4)-2-acetamido-2-deoxy-beta-D-glucopyranose
3 non-polymer 2-(2-ETHOXYETHOXY)ETHANOL
4 non-polymer 1,2-ETHANEDIOL
5 non-polymer 'SULFATE ION'
6 water water
#
_entity_poly.entity_id   1
_entity_poly.type   'polypeptide(L)'
_entity_poly.pdbx_seq_one_letter_code
;MAAQHGAPPSARSPRFGVNYTPSNGWFHHWLDFDLDAVRADLDSVAALGFDHVRVFPLWPVFQPNRTLIRPRAVEQLAAL
TDAAGERGLDVNVDGLQGHLSSFDFLPAWTTTWHRRNLFTDPDVVSGQAEYLRTLAAALADRPNFLGMTVGNAINQFSGH
PHPDPDRVTPEQAGDWLRRMLDACERGAPGRLHLHAEYDAAWYLDDHPFTPAHSARIGAVTAVHSWVFNGTAQRYGTRST
ATAQHAAYLVELAKAWAREPRRPVWLQEVGAPAPHVPAEYAAEFATATIDAVLDCPEVWGVTWWCSHDVDRRLADFPELE
YSLGLLTQDRRVKPAGRAVAEAVRRWRTETPAPRPRTTALVVDVGPGDQAPARSVCAPGGAVFEAFMRLTAQGARPTTVL
AEHATDADHLAARGITEVVTPHDVHLEHHHHHH
;
_entity_poly.pdbx_strand_id   A,B
#
loop_
_chem_comp.id
_chem_comp.type
_chem_comp.name
_chem_comp.formula
AE3 non-polymer 2-(2-ETHOXYETHOXY)ETHANOL 'C6 H14 O3'
BMA D-saccharide, beta linking beta-D-mannopyranose 'C6 H12 O6'
EDO non-polymer 1,2-ETHANEDIOL 'C2 H6 O2'
NAG D-saccharide, beta linking 2-acetamido-2-deoxy-beta-D-glucopyranose 'C8 H15 N O6'
SO4 non-polymer 'SULFATE ION' 'O4 S -2'
#
# COMPACT_ATOMS: atom_id res chain seq x y z
N SER A 13 -22.07 -31.04 15.31
CA SER A 13 -22.34 -29.63 15.58
C SER A 13 -21.17 -28.70 15.24
N PRO A 14 -19.92 -29.10 15.50
CA PRO A 14 -18.80 -28.32 14.95
C PRO A 14 -18.80 -28.42 13.43
N ARG A 15 -18.53 -27.30 12.78
CA ARG A 15 -18.40 -27.23 11.34
C ARG A 15 -16.93 -27.39 10.94
N PHE A 16 -16.70 -27.71 9.67
CA PHE A 16 -15.34 -27.97 9.19
C PHE A 16 -15.10 -27.20 7.89
N GLY A 17 -14.04 -26.38 7.89
CA GLY A 17 -13.77 -25.53 6.74
C GLY A 17 -12.30 -25.23 6.55
N VAL A 18 -11.99 -24.36 5.59
CA VAL A 18 -10.63 -23.95 5.31
C VAL A 18 -10.57 -22.46 5.10
N ASN A 19 -9.42 -21.90 5.45
CA ASN A 19 -9.04 -20.55 5.04
C ASN A 19 -8.59 -20.61 3.59
N TYR A 20 -9.26 -19.85 2.74
CA TYR A 20 -9.10 -19.99 1.29
C TYR A 20 -7.94 -19.10 0.83
N THR A 21 -6.86 -19.74 0.38
CA THR A 21 -5.71 -19.07 -0.21
C THR A 21 -5.71 -19.36 -1.72
N PRO A 22 -6.22 -18.45 -2.56
CA PRO A 22 -6.35 -18.76 -3.98
C PRO A 22 -5.04 -19.27 -4.59
N SER A 23 -5.13 -20.41 -5.27
CA SER A 23 -3.93 -21.04 -5.80
C SER A 23 -3.28 -20.18 -6.88
N ASN A 24 -4.08 -19.53 -7.72
CA ASN A 24 -3.55 -18.73 -8.82
C ASN A 24 -3.58 -17.26 -8.42
N GLY A 25 -2.41 -16.70 -8.13
CA GLY A 25 -2.31 -15.30 -7.75
C GLY A 25 -2.34 -15.01 -6.27
N TRP A 26 -2.64 -16.00 -5.43
CA TRP A 26 -2.78 -15.80 -3.98
C TRP A 26 -3.81 -14.68 -3.78
N PHE A 27 -3.67 -13.87 -2.74
CA PHE A 27 -4.66 -12.82 -2.52
C PHE A 27 -4.55 -11.68 -3.52
N HIS A 28 -3.49 -11.63 -4.32
CA HIS A 28 -3.46 -10.67 -5.42
C HIS A 28 -4.42 -11.05 -6.56
N HIS A 29 -5.15 -12.16 -6.43
CA HIS A 29 -6.06 -12.56 -7.49
C HIS A 29 -7.19 -11.56 -7.69
N TRP A 30 -7.48 -10.71 -6.70
CA TRP A 30 -8.47 -9.65 -6.91
C TRP A 30 -8.08 -8.73 -8.07
N LEU A 31 -6.79 -8.61 -8.39
CA LEU A 31 -6.33 -7.80 -9.52
C LEU A 31 -6.45 -8.51 -10.85
N ASP A 32 -6.69 -9.82 -10.86
CA ASP A 32 -6.82 -10.61 -12.07
C ASP A 32 -7.87 -11.68 -11.79
N PHE A 33 -9.07 -11.23 -11.45
CA PHE A 33 -10.08 -12.13 -10.90
C PHE A 33 -10.54 -13.12 -11.97
N ASP A 34 -10.32 -14.40 -11.70
CA ASP A 34 -10.60 -15.49 -12.64
C ASP A 34 -11.59 -16.41 -11.94
N LEU A 35 -12.87 -16.32 -12.32
CA LEU A 35 -13.89 -17.07 -11.60
C LEU A 35 -13.74 -18.57 -11.83
N ASP A 36 -13.27 -18.99 -13.00
CA ASP A 36 -13.10 -20.42 -13.23
C ASP A 36 -11.95 -21.00 -12.41
N ALA A 37 -10.88 -20.21 -12.17
CA ALA A 37 -9.84 -20.66 -11.27
C ALA A 37 -10.36 -20.77 -9.84
N VAL A 38 -11.19 -19.81 -9.43
CA VAL A 38 -11.84 -19.87 -8.12
C VAL A 38 -12.75 -21.09 -8.03
N ARG A 39 -13.53 -21.35 -9.09
CA ARG A 39 -14.40 -22.52 -9.08
C ARG A 39 -13.60 -23.80 -8.90
N ALA A 40 -12.47 -23.93 -9.62
CA ALA A 40 -11.67 -25.13 -9.51
C ALA A 40 -11.07 -25.26 -8.12
N ASP A 41 -10.59 -24.15 -7.55
CA ASP A 41 -10.15 -24.15 -6.16
C ASP A 41 -11.25 -24.65 -5.23
N LEU A 42 -12.45 -24.08 -5.37
CA LEU A 42 -13.53 -24.46 -4.46
C LEU A 42 -13.99 -25.90 -4.68
N ASP A 43 -13.89 -26.40 -5.92
CA ASP A 43 -14.17 -27.81 -6.17
C ASP A 43 -13.22 -28.70 -5.38
N SER A 44 -11.92 -28.37 -5.38
CA SER A 44 -10.95 -29.20 -4.69
C SER A 44 -11.13 -29.12 -3.17
N VAL A 45 -11.67 -28.01 -2.67
CA VAL A 45 -11.99 -27.90 -1.25
C VAL A 45 -13.22 -28.72 -0.91
N ALA A 46 -14.30 -28.53 -1.68
CA ALA A 46 -15.53 -29.28 -1.42
C ALA A 46 -15.30 -30.78 -1.51
N ALA A 47 -14.34 -31.21 -2.34
CA ALA A 47 -14.06 -32.63 -2.51
C ALA A 47 -13.49 -33.28 -1.25
N LEU A 48 -12.89 -32.51 -0.35
CA LEU A 48 -12.35 -33.05 0.89
C LEU A 48 -13.37 -33.05 2.02
N GLY A 49 -14.61 -32.62 1.76
CA GLY A 49 -15.68 -32.71 2.74
C GLY A 49 -15.96 -31.47 3.56
N PHE A 50 -15.31 -30.34 3.27
CA PHE A 50 -15.53 -29.14 4.06
C PHE A 50 -16.91 -28.53 3.77
N ASP A 51 -17.40 -27.76 4.73
CA ASP A 51 -18.71 -27.13 4.60
C ASP A 51 -18.65 -25.60 4.57
N HIS A 52 -17.47 -25.01 4.73
CA HIS A 52 -17.37 -23.55 4.66
C HIS A 52 -15.95 -23.15 4.28
N VAL A 53 -15.83 -21.89 3.84
CA VAL A 53 -14.54 -21.24 3.62
C VAL A 53 -14.53 -19.91 4.33
N ARG A 54 -13.35 -19.49 4.76
CA ARG A 54 -13.08 -18.15 5.24
C ARG A 54 -12.30 -17.43 4.16
N VAL A 55 -12.77 -16.26 3.72
CA VAL A 55 -12.21 -15.64 2.52
C VAL A 55 -11.76 -14.21 2.83
N PHE A 56 -10.82 -13.74 2.02
CA PHE A 56 -10.06 -12.52 2.32
C PHE A 56 -10.02 -11.53 1.16
N PRO A 57 -10.87 -10.51 1.17
CA PRO A 57 -10.59 -9.31 0.37
C PRO A 57 -9.25 -8.70 0.78
N LEU A 58 -8.67 -7.96 -0.15
CA LEU A 58 -7.50 -7.12 0.15
C LEU A 58 -8.02 -5.69 0.30
N TRP A 59 -7.92 -5.15 1.51
CA TRP A 59 -8.54 -3.87 1.85
C TRP A 59 -8.14 -2.73 0.92
N PRO A 60 -6.86 -2.46 0.65
CA PRO A 60 -6.54 -1.34 -0.26
C PRO A 60 -6.98 -1.57 -1.71
N VAL A 61 -7.16 -2.82 -2.14
CA VAL A 61 -7.69 -3.08 -3.48
C VAL A 61 -9.18 -2.77 -3.53
N PHE A 62 -9.89 -3.08 -2.44
CA PHE A 62 -11.32 -2.83 -2.38
C PHE A 62 -11.65 -1.37 -2.09
N GLN A 63 -10.80 -0.69 -1.30
CA GLN A 63 -11.05 0.69 -0.87
C GLN A 63 -9.80 1.51 -1.11
N PRO A 64 -9.44 1.77 -2.37
CA PRO A 64 -8.16 2.43 -2.64
C PRO A 64 -8.12 3.89 -2.21
N ASN A 65 -9.27 4.51 -2.00
CA ASN A 65 -9.40 5.85 -1.45
C ASN A 65 -10.47 5.75 -0.36
N ARG A 66 -10.37 6.59 0.67
CA ARG A 66 -11.30 6.48 1.79
C ARG A 66 -12.76 6.52 1.33
N THR A 67 -13.08 7.25 0.27
CA THR A 67 -14.46 7.30 -0.20
C THR A 67 -14.59 6.74 -1.61
N LEU A 68 -13.84 5.68 -1.89
CA LEU A 68 -14.05 4.88 -3.11
C LEU A 68 -13.98 3.42 -2.68
N ILE A 69 -15.15 2.82 -2.50
CA ILE A 69 -15.27 1.37 -2.33
C ILE A 69 -15.70 0.81 -3.67
N ARG A 70 -14.82 0.04 -4.31
CA ARG A 70 -15.01 -0.29 -5.72
C ARG A 70 -16.14 -1.29 -5.92
N PRO A 71 -17.21 -0.93 -6.64
CA PRO A 71 -18.30 -1.88 -6.86
C PRO A 71 -17.89 -3.16 -7.57
N ARG A 72 -16.91 -3.10 -8.47
N ARG A 72 -16.91 -3.10 -8.47
N ARG A 72 -16.90 -3.10 -8.48
CA ARG A 72 -16.46 -4.31 -9.16
CA ARG A 72 -16.47 -4.33 -9.16
CA ARG A 72 -16.47 -4.32 -9.16
C ARG A 72 -15.83 -5.30 -8.19
C ARG A 72 -15.84 -5.30 -8.18
C ARG A 72 -15.85 -5.30 -8.18
N ALA A 73 -15.10 -4.80 -7.20
CA ALA A 73 -14.50 -5.69 -6.21
C ALA A 73 -15.58 -6.34 -5.37
N VAL A 74 -16.62 -5.58 -5.02
CA VAL A 74 -17.76 -6.14 -4.30
C VAL A 74 -18.45 -7.22 -5.15
N GLU A 75 -18.63 -6.95 -6.45
CA GLU A 75 -19.25 -7.94 -7.34
C GLU A 75 -18.42 -9.22 -7.40
N GLN A 76 -17.09 -9.08 -7.45
CA GLN A 76 -16.23 -10.26 -7.48
C GLN A 76 -16.37 -11.08 -6.21
N LEU A 77 -16.41 -10.41 -5.06
CA LEU A 77 -16.62 -11.13 -3.80
C LEU A 77 -17.96 -11.86 -3.81
N ALA A 78 -19.02 -11.20 -4.31
CA ALA A 78 -20.32 -11.85 -4.41
C ALA A 78 -20.26 -13.05 -5.34
N ALA A 79 -19.54 -12.93 -6.46
CA ALA A 79 -19.40 -14.05 -7.37
C ALA A 79 -18.66 -15.21 -6.71
N LEU A 80 -17.59 -14.89 -5.98
CA LEU A 80 -16.90 -15.91 -5.20
C LEU A 80 -17.86 -16.58 -4.23
N THR A 81 -18.67 -15.76 -3.51
CA THR A 81 -19.61 -16.30 -2.55
C THR A 81 -20.65 -17.20 -3.22
N ASP A 82 -21.17 -16.78 -4.37
CA ASP A 82 -22.13 -17.59 -5.11
C ASP A 82 -21.50 -18.89 -5.59
N ALA A 83 -20.26 -18.82 -6.08
CA ALA A 83 -19.55 -20.03 -6.50
C ALA A 83 -19.36 -21.01 -5.36
N ALA A 84 -19.07 -20.48 -4.16
CA ALA A 84 -18.95 -21.36 -3.00
C ALA A 84 -20.28 -22.01 -2.66
N GLY A 85 -21.37 -21.25 -2.78
CA GLY A 85 -22.68 -21.79 -2.45
C GLY A 85 -23.13 -22.87 -3.40
N GLU A 86 -22.77 -22.74 -4.68
CA GLU A 86 -23.04 -23.80 -5.65
C GLU A 86 -22.34 -25.09 -5.30
N ARG A 87 -21.23 -25.02 -4.54
CA ARG A 87 -20.44 -26.19 -4.20
C ARG A 87 -20.63 -26.59 -2.73
N GLY A 88 -21.71 -26.14 -2.11
CA GLY A 88 -22.03 -26.55 -0.76
C GLY A 88 -21.15 -25.93 0.31
N LEU A 89 -20.64 -24.73 0.08
CA LEU A 89 -19.75 -24.06 1.02
C LEU A 89 -20.38 -22.75 1.48
N ASP A 90 -20.51 -22.59 2.80
CA ASP A 90 -20.87 -21.30 3.36
C ASP A 90 -19.63 -20.42 3.43
N VAL A 91 -19.85 -19.11 3.60
CA VAL A 91 -18.75 -18.14 3.48
C VAL A 91 -18.76 -17.16 4.63
N ASN A 92 -17.65 -17.09 5.37
CA ASN A 92 -17.33 -15.99 6.25
C ASN A 92 -16.32 -15.08 5.55
N VAL A 93 -16.57 -13.77 5.59
CA VAL A 93 -15.71 -12.79 4.94
C VAL A 93 -14.97 -12.00 6.01
N ASP A 94 -13.63 -12.00 5.92
CA ASP A 94 -12.80 -11.14 6.77
C ASP A 94 -12.66 -9.79 6.07
N GLY A 95 -12.94 -8.71 6.79
CA GLY A 95 -12.94 -7.42 6.14
C GLY A 95 -11.57 -6.79 5.96
N LEU A 96 -10.90 -6.45 7.06
CA LEU A 96 -9.76 -5.53 7.04
C LEU A 96 -8.45 -6.31 7.01
N GLN A 97 -8.00 -6.63 5.78
CA GLN A 97 -6.64 -7.12 5.51
C GLN A 97 -5.92 -6.03 4.72
N GLY A 98 -5.04 -5.29 5.39
CA GLY A 98 -4.60 -5.62 6.74
C GLY A 98 -3.45 -6.59 6.62
N HIS A 99 -3.35 -7.52 7.54
CA HIS A 99 -2.20 -8.41 7.60
C HIS A 99 -2.53 -9.79 7.04
N LEU A 100 -1.69 -10.25 6.10
CA LEU A 100 -1.77 -11.63 5.61
C LEU A 100 -0.37 -12.18 5.43
N SER A 101 -0.03 -13.21 6.22
CA SER A 101 1.11 -14.11 5.94
C SER A 101 2.44 -13.35 5.86
N SER A 102 2.63 -12.40 6.77
CA SER A 102 3.83 -11.57 7.01
C SER A 102 3.76 -10.23 6.29
N PHE A 103 2.81 -10.01 5.38
CA PHE A 103 2.69 -8.77 4.63
C PHE A 103 1.55 -7.92 5.18
N ASP A 104 1.81 -6.61 5.27
CA ASP A 104 0.78 -5.64 5.66
C ASP A 104 0.26 -4.98 4.39
N PHE A 105 -1.05 -5.02 4.19
CA PHE A 105 -1.71 -4.36 3.06
C PHE A 105 -2.49 -3.15 3.60
N LEU A 106 -1.85 -1.98 3.52
CA LEU A 106 -2.39 -0.78 4.11
C LEU A 106 -2.72 0.23 3.02
N PRO A 107 -3.91 0.83 3.04
CA PRO A 107 -4.23 1.83 2.01
C PRO A 107 -3.33 3.04 2.12
N ALA A 108 -3.03 3.63 0.97
CA ALA A 108 -2.15 4.81 0.96
C ALA A 108 -2.73 5.94 1.79
N TRP A 109 -4.06 5.99 1.93
CA TRP A 109 -4.68 7.05 2.73
C TRP A 109 -4.57 6.79 4.25
N THR A 110 -3.81 5.77 4.67
CA THR A 110 -3.55 5.56 6.10
C THR A 110 -2.08 5.71 6.50
N THR A 111 -1.18 5.93 5.54
CA THR A 111 0.25 5.82 5.80
C THR A 111 0.97 7.10 5.40
N THR A 112 2.21 7.22 5.91
CA THR A 112 3.14 8.35 5.74
C THR A 112 2.46 9.72 5.78
N TRP A 113 2.40 10.44 4.66
CA TRP A 113 1.78 11.77 4.65
C TRP A 113 0.35 11.74 5.19
N HIS A 114 -0.32 10.59 5.10
CA HIS A 114 -1.68 10.40 5.57
C HIS A 114 -1.74 9.45 6.76
N ARG A 115 -0.62 9.30 7.49
CA ARG A 115 -0.59 8.37 8.62
C ARG A 115 -1.64 8.77 9.64
N ARG A 116 -2.57 7.84 9.87
CA ARG A 116 -3.73 8.07 10.72
C ARG A 116 -4.08 6.75 11.37
N ASN A 117 -4.09 6.74 12.70
CA ASN A 117 -4.24 5.52 13.48
C ASN A 117 -5.44 4.72 13.02
N LEU A 118 -5.21 3.44 12.70
CA LEU A 118 -6.26 2.55 12.19
C LEU A 118 -7.40 2.39 13.16
N PHE A 119 -7.16 2.59 14.45
CA PHE A 119 -8.17 2.33 15.47
C PHE A 119 -8.78 3.58 16.06
N THR A 120 -8.17 4.74 15.91
CA THR A 120 -8.68 5.93 16.58
C THR A 120 -8.97 7.11 15.68
N ASP A 121 -8.40 7.18 14.47
CA ASP A 121 -8.65 8.37 13.67
C ASP A 121 -10.11 8.39 13.21
N PRO A 122 -10.84 9.47 13.47
CA PRO A 122 -12.28 9.49 13.16
C PRO A 122 -12.60 9.22 11.70
N ASP A 123 -11.79 9.74 10.77
CA ASP A 123 -12.09 9.54 9.36
C ASP A 123 -11.73 8.14 8.89
N VAL A 124 -10.57 7.61 9.32
CA VAL A 124 -10.24 6.23 8.97
C VAL A 124 -11.31 5.29 9.51
N VAL A 125 -11.75 5.50 10.75
CA VAL A 125 -12.71 4.58 11.35
C VAL A 125 -14.05 4.65 10.63
N SER A 126 -14.53 5.86 10.29
CA SER A 126 -15.77 5.92 9.55
C SER A 126 -15.62 5.29 8.17
N GLY A 127 -14.42 5.39 7.57
CA GLY A 127 -14.18 4.74 6.29
C GLY A 127 -14.20 3.23 6.41
N GLN A 128 -13.59 2.70 7.48
CA GLN A 128 -13.62 1.25 7.72
C GLN A 128 -15.04 0.77 7.93
N ALA A 129 -15.83 1.50 8.72
CA ALA A 129 -17.21 1.09 8.98
C ALA A 129 -18.03 1.06 7.70
N GLU A 130 -17.86 2.05 6.82
CA GLU A 130 -18.62 2.05 5.58
C GLU A 130 -18.18 0.91 4.67
N TYR A 131 -16.87 0.60 4.68
CA TYR A 131 -16.35 -0.56 3.95
C TYR A 131 -17.01 -1.85 4.44
N LEU A 132 -16.99 -2.09 5.76
CA LEU A 132 -17.55 -3.33 6.29
C LEU A 132 -19.06 -3.40 6.08
N ARG A 133 -19.78 -2.30 6.30
CA ARG A 133 -21.22 -2.30 6.05
C ARG A 133 -21.51 -2.60 4.58
N THR A 134 -20.69 -2.09 3.67
CA THR A 134 -20.93 -2.29 2.25
C THR A 134 -20.78 -3.76 1.86
N LEU A 135 -19.69 -4.39 2.31
CA LEU A 135 -19.49 -5.81 2.06
C LEU A 135 -20.64 -6.64 2.62
N ALA A 136 -20.97 -6.43 3.89
CA ALA A 136 -22.04 -7.22 4.52
C ALA A 136 -23.37 -7.02 3.81
N ALA A 137 -23.71 -5.77 3.47
CA ALA A 137 -24.99 -5.50 2.82
C ALA A 137 -25.06 -6.15 1.44
N ALA A 138 -23.93 -6.20 0.73
CA ALA A 138 -23.91 -6.82 -0.59
C ALA A 138 -24.10 -8.32 -0.54
N LEU A 139 -23.67 -8.98 0.53
CA LEU A 139 -23.83 -10.42 0.65
C LEU A 139 -25.04 -10.82 1.48
N ALA A 140 -25.84 -9.85 1.95
CA ALA A 140 -26.92 -10.15 2.88
C ALA A 140 -28.01 -11.01 2.26
N ASP A 141 -28.14 -10.96 0.93
CA ASP A 141 -29.14 -11.77 0.25
C ASP A 141 -28.60 -13.13 -0.19
N ARG A 142 -27.38 -13.47 0.23
CA ARG A 142 -26.82 -14.79 -0.07
C ARG A 142 -27.14 -15.75 1.07
N PRO A 143 -27.84 -16.85 0.80
CA PRO A 143 -28.17 -17.77 1.90
C PRO A 143 -26.95 -18.44 2.52
N ASN A 144 -25.86 -18.58 1.78
CA ASN A 144 -24.66 -19.22 2.31
C ASN A 144 -23.69 -18.22 2.94
N PHE A 145 -24.09 -16.96 3.07
CA PHE A 145 -23.25 -15.95 3.70
C PHE A 145 -23.38 -16.07 5.22
N LEU A 146 -22.30 -16.46 5.88
CA LEU A 146 -22.34 -16.67 7.33
C LEU A 146 -22.33 -15.34 8.09
N GLY A 147 -21.53 -14.39 7.62
CA GLY A 147 -21.32 -13.14 8.30
C GLY A 147 -19.89 -12.66 8.12
N MET A 148 -19.55 -11.60 8.82
CA MET A 148 -18.24 -10.96 8.72
C MET A 148 -17.38 -11.25 9.93
N THR A 149 -16.08 -11.37 9.70
CA THR A 149 -15.06 -11.17 10.72
C THR A 149 -14.42 -9.82 10.46
N VAL A 150 -14.24 -9.01 11.53
CA VAL A 150 -13.80 -7.62 11.32
C VAL A 150 -12.55 -7.57 10.45
N GLY A 151 -11.56 -8.38 10.78
CA GLY A 151 -10.34 -8.45 10.00
C GLY A 151 -9.43 -9.49 10.59
N ASN A 152 -8.49 -9.96 9.76
CA ASN A 152 -7.68 -11.11 10.14
C ASN A 152 -6.58 -10.66 11.10
N ALA A 153 -6.80 -10.87 12.41
CA ALA A 153 -5.81 -10.53 13.41
C ALA A 153 -5.35 -9.08 13.26
N ILE A 154 -6.33 -8.19 13.10
CA ILE A 154 -6.03 -6.77 12.99
C ILE A 154 -5.28 -6.28 14.21
N ASN A 155 -5.37 -7.00 15.35
CA ASN A 155 -4.65 -6.60 16.55
C ASN A 155 -3.13 -6.63 16.36
N GLN A 156 -2.61 -7.27 15.31
CA GLN A 156 -1.16 -7.24 15.14
C GLN A 156 -0.64 -5.85 14.76
N PHE A 157 -1.51 -4.90 14.41
CA PHE A 157 -1.06 -3.53 14.17
C PHE A 157 -0.98 -2.71 15.45
N SER A 158 -1.47 -3.23 16.57
CA SER A 158 -1.75 -2.40 17.72
C SER A 158 -0.60 -2.33 18.73
N GLY A 159 0.48 -3.07 18.53
CA GLY A 159 1.56 -3.00 19.49
C GLY A 159 2.68 -3.92 19.08
N HIS A 160 3.68 -4.02 19.97
N HIS A 160 3.70 -3.98 19.93
CA HIS A 160 4.83 -4.91 19.83
CA HIS A 160 4.84 -4.83 19.65
C HIS A 160 4.35 -6.34 19.54
C HIS A 160 4.39 -6.29 19.54
N PRO A 161 5.08 -7.09 18.72
CA PRO A 161 6.33 -6.75 18.04
C PRO A 161 6.23 -6.09 16.67
N HIS A 162 5.08 -5.51 16.33
CA HIS A 162 5.00 -4.81 15.06
C HIS A 162 6.10 -3.74 14.99
N PRO A 163 6.76 -3.58 13.83
CA PRO A 163 7.85 -2.60 13.75
C PRO A 163 7.40 -1.15 13.80
N ASP A 164 6.12 -0.87 13.58
CA ASP A 164 5.62 0.49 13.48
C ASP A 164 4.14 0.50 13.85
N PRO A 165 3.78 0.23 15.10
CA PRO A 165 2.37 -0.01 15.43
C PRO A 165 1.58 1.29 15.56
N ASP A 166 0.27 1.13 15.40
CA ASP A 166 -0.73 2.13 15.77
C ASP A 166 -1.16 1.78 17.18
N ARG A 167 -0.41 2.30 18.15
CA ARG A 167 -0.67 1.95 19.54
C ARG A 167 -2.02 2.51 19.98
N VAL A 168 -2.74 1.71 20.76
CA VAL A 168 -4.04 2.07 21.31
C VAL A 168 -4.14 1.50 22.71
N THR A 169 -5.08 2.05 23.49
CA THR A 169 -5.44 1.52 24.80
C THR A 169 -6.50 0.44 24.66
N PRO A 170 -6.66 -0.42 25.68
CA PRO A 170 -7.75 -1.40 25.61
C PRO A 170 -9.13 -0.75 25.48
N GLU A 171 -9.36 0.35 26.19
CA GLU A 171 -10.61 1.09 26.01
C GLU A 171 -10.81 1.49 24.57
N GLN A 172 -9.76 2.00 23.93
CA GLN A 172 -9.85 2.41 22.53
C GLN A 172 -10.11 1.23 21.61
N ALA A 173 -9.46 0.09 21.86
CA ALA A 173 -9.66 -1.08 21.00
C ALA A 173 -11.08 -1.61 21.11
N GLY A 174 -11.64 -1.63 22.33
CA GLY A 174 -13.00 -2.12 22.50
C GLY A 174 -14.03 -1.22 21.83
N ASP A 175 -13.90 0.10 22.00
CA ASP A 175 -14.75 1.06 21.29
C ASP A 175 -14.71 0.81 19.78
N TRP A 176 -13.50 0.62 19.24
CA TRP A 176 -13.35 0.41 17.81
C TRP A 176 -14.04 -0.88 17.36
N LEU A 177 -13.83 -1.98 18.10
CA LEU A 177 -14.48 -3.23 17.76
C LEU A 177 -16.00 -3.09 17.73
N ARG A 178 -16.58 -2.43 18.73
N ARG A 178 -16.58 -2.42 18.73
CA ARG A 178 -18.03 -2.27 18.78
CA ARG A 178 -18.03 -2.25 18.76
C ARG A 178 -18.54 -1.49 17.58
C ARG A 178 -18.52 -1.46 17.55
N ARG A 179 -17.79 -0.46 17.16
N ARG A 179 -17.76 -0.42 17.15
CA ARG A 179 -18.18 0.32 15.99
CA ARG A 179 -18.14 0.35 15.97
C ARG A 179 -18.10 -0.54 14.72
C ARG A 179 -18.08 -0.51 14.71
N MET A 180 -17.03 -1.33 14.57
CA MET A 180 -16.89 -2.18 13.40
C MET A 180 -18.01 -3.21 13.33
N LEU A 181 -18.36 -3.82 14.47
CA LEU A 181 -19.41 -4.84 14.45
C LEU A 181 -20.79 -4.23 14.26
N ASP A 182 -21.02 -3.03 14.79
CA ASP A 182 -22.27 -2.34 14.49
C ASP A 182 -22.44 -2.17 12.99
N ALA A 183 -21.36 -1.82 12.29
CA ALA A 183 -21.42 -1.65 10.85
C ALA A 183 -21.76 -2.97 10.15
N CYS A 184 -21.12 -4.06 10.57
CA CYS A 184 -21.47 -5.38 10.02
C CYS A 184 -22.93 -5.69 10.26
N GLU A 185 -23.42 -5.46 11.48
CA GLU A 185 -24.81 -5.75 11.81
C GLU A 185 -25.77 -4.89 11.00
N ARG A 186 -25.43 -3.62 10.76
CA ARG A 186 -26.31 -2.78 9.96
C ARG A 186 -26.32 -3.22 8.50
N GLY A 187 -25.20 -3.76 8.02
CA GLY A 187 -25.16 -4.24 6.64
C GLY A 187 -25.91 -5.55 6.45
N ALA A 188 -25.76 -6.48 7.39
CA ALA A 188 -26.40 -7.80 7.31
C ALA A 188 -26.98 -8.17 8.66
N PRO A 189 -28.17 -7.66 8.99
CA PRO A 189 -28.75 -7.92 10.31
C PRO A 189 -28.97 -9.42 10.55
N GLY A 190 -28.70 -9.85 11.77
CA GLY A 190 -28.98 -11.20 12.18
C GLY A 190 -27.95 -12.23 11.76
N ARG A 191 -26.85 -11.83 11.12
CA ARG A 191 -25.83 -12.78 10.69
C ARG A 191 -24.78 -12.94 11.78
N LEU A 192 -23.77 -13.76 11.51
CA LEU A 192 -22.76 -14.15 12.49
C LEU A 192 -21.54 -13.23 12.33
N HIS A 193 -21.53 -12.13 13.08
CA HIS A 193 -20.50 -11.12 12.96
C HIS A 193 -19.60 -11.19 14.19
N LEU A 194 -18.28 -11.26 13.96
CA LEU A 194 -17.33 -11.48 15.04
C LEU A 194 -16.04 -10.73 14.71
N HIS A 195 -15.10 -10.76 15.65
CA HIS A 195 -13.75 -10.31 15.39
C HIS A 195 -12.79 -11.42 15.81
N ALA A 196 -11.59 -11.40 15.26
CA ALA A 196 -10.66 -12.52 15.44
C ALA A 196 -9.24 -11.98 15.59
N GLU A 197 -8.68 -12.14 16.78
CA GLU A 197 -7.39 -11.60 17.15
C GLU A 197 -6.39 -12.72 17.35
N TYR A 198 -5.13 -12.49 16.96
CA TYR A 198 -4.10 -13.50 17.15
C TYR A 198 -3.67 -13.56 18.63
N ASP A 199 -2.84 -14.55 18.97
CA ASP A 199 -2.70 -14.96 20.37
C ASP A 199 -2.01 -13.94 21.27
N ALA A 200 -1.49 -12.83 20.73
CA ALA A 200 -1.07 -11.75 21.63
C ALA A 200 -2.22 -11.34 22.54
N ALA A 201 -3.46 -11.46 22.06
CA ALA A 201 -4.61 -11.08 22.89
C ALA A 201 -4.70 -11.90 24.16
N TRP A 202 -4.21 -13.15 24.13
CA TRP A 202 -4.24 -13.97 25.34
C TRP A 202 -2.89 -14.06 26.04
N TYR A 203 -1.79 -13.72 25.37
CA TYR A 203 -0.45 -14.05 25.88
C TYR A 203 0.44 -12.87 26.23
N LEU A 204 0.17 -11.67 25.70
CA LEU A 204 1.02 -10.49 25.91
C LEU A 204 0.39 -9.55 26.92
N ASP A 205 1.11 -9.26 28.01
CA ASP A 205 0.57 -8.47 29.12
C ASP A 205 0.04 -7.11 28.66
N ASP A 206 0.83 -6.42 27.83
CA ASP A 206 0.65 -5.03 27.41
C ASP A 206 -0.32 -4.88 26.25
N HIS A 207 -0.76 -5.96 25.67
CA HIS A 207 -1.42 -5.91 24.37
C HIS A 207 -2.82 -5.33 24.52
N PRO A 208 -3.22 -4.35 23.69
CA PRO A 208 -4.47 -3.64 23.99
C PRO A 208 -5.72 -4.40 23.59
N PHE A 209 -5.62 -5.42 22.75
CA PHE A 209 -6.74 -6.32 22.51
C PHE A 209 -6.69 -7.43 23.56
N THR A 210 -7.79 -7.60 24.28
CA THR A 210 -7.77 -8.38 25.51
C THR A 210 -8.59 -9.64 25.40
N PRO A 211 -8.39 -10.61 26.31
CA PRO A 211 -9.28 -11.78 26.33
C PRO A 211 -10.74 -11.41 26.48
N ALA A 212 -11.04 -10.38 27.27
CA ALA A 212 -12.41 -9.89 27.40
C ALA A 212 -12.97 -9.44 26.06
N HIS A 213 -12.19 -8.71 25.27
CA HIS A 213 -12.67 -8.27 23.96
C HIS A 213 -13.08 -9.47 23.12
N SER A 214 -12.23 -10.49 23.09
CA SER A 214 -12.48 -11.65 22.24
C SER A 214 -13.71 -12.42 22.67
N ALA A 215 -13.95 -12.52 23.98
CA ALA A 215 -15.02 -13.34 24.52
C ALA A 215 -16.32 -12.59 24.80
N ARG A 216 -16.31 -11.24 24.73
CA ARG A 216 -17.50 -10.46 25.08
C ARG A 216 -17.95 -9.48 24.01
N ILE A 217 -17.18 -9.30 22.94
CA ILE A 217 -17.58 -8.49 21.79
C ILE A 217 -17.64 -9.42 20.59
N GLY A 218 -18.73 -9.36 19.84
CA GLY A 218 -18.94 -10.25 18.71
C GLY A 218 -19.69 -11.51 19.08
N ALA A 219 -20.11 -12.25 18.05
CA ALA A 219 -21.10 -13.31 18.25
C ALA A 219 -20.49 -14.57 18.85
N VAL A 220 -19.24 -14.90 18.46
CA VAL A 220 -18.54 -16.07 18.97
C VAL A 220 -17.10 -15.66 19.23
N THR A 221 -16.41 -16.45 20.04
CA THR A 221 -14.99 -16.21 20.29
C THR A 221 -14.18 -16.93 19.22
N ALA A 222 -13.32 -16.19 18.53
CA ALA A 222 -12.44 -16.80 17.53
C ALA A 222 -11.05 -16.92 18.09
N VAL A 223 -10.43 -18.09 17.93
CA VAL A 223 -9.04 -18.28 18.30
C VAL A 223 -8.26 -18.84 17.12
N HIS A 224 -6.97 -18.47 17.06
CA HIS A 224 -6.06 -18.81 15.97
C HIS A 224 -4.89 -19.51 16.63
N SER A 225 -4.72 -20.82 16.35
CA SER A 225 -3.78 -21.68 17.08
C SER A 225 -2.54 -21.97 16.23
N TRP A 226 -1.39 -21.50 16.69
CA TRP A 226 -0.15 -21.56 15.91
C TRP A 226 1.01 -21.96 16.82
N VAL A 227 1.48 -23.21 16.68
CA VAL A 227 2.46 -23.73 17.64
C VAL A 227 3.87 -23.22 17.42
N PHE A 228 4.10 -22.40 16.39
CA PHE A 228 5.37 -21.68 16.32
C PHE A 228 5.43 -20.50 17.30
N ASN A 229 4.43 -20.31 18.15
CA ASN A 229 4.39 -19.16 19.04
C ASN A 229 5.23 -19.34 20.31
N GLY A 230 6.15 -20.31 20.30
CA GLY A 230 6.91 -20.71 21.47
C GLY A 230 6.55 -22.09 21.98
N THR A 231 5.40 -22.63 21.58
CA THR A 231 4.95 -23.92 22.12
C THR A 231 5.82 -25.05 21.63
N ALA A 232 5.99 -25.17 20.31
CA ALA A 232 6.81 -26.26 19.79
C ALA A 232 8.26 -26.08 20.20
N GLN A 233 8.72 -24.83 20.27
CA GLN A 233 10.11 -24.57 20.63
C GLN A 233 10.39 -24.99 22.06
N ARG A 234 9.48 -24.66 22.99
CA ARG A 234 9.74 -24.93 24.39
C ARG A 234 9.48 -26.38 24.75
N TYR A 235 8.40 -26.96 24.23
CA TYR A 235 7.97 -28.27 24.68
C TYR A 235 8.26 -29.39 23.68
N GLY A 236 8.45 -29.07 22.42
CA GLY A 236 8.81 -30.07 21.43
C GLY A 236 7.67 -30.32 20.45
N THR A 237 8.05 -30.64 19.21
CA THR A 237 7.11 -30.96 18.16
C THR A 237 6.11 -32.05 18.57
N ARG A 238 6.61 -33.13 19.19
CA ARG A 238 5.77 -34.30 19.46
C ARG A 238 5.31 -34.34 20.91
N SER A 239 5.21 -33.18 21.56
CA SER A 239 4.80 -33.10 22.96
C SER A 239 3.28 -32.98 23.08
N THR A 240 2.81 -33.24 24.29
CA THR A 240 1.39 -33.07 24.59
C THR A 240 0.97 -31.61 24.44
N ALA A 241 1.84 -30.68 24.82
CA ALA A 241 1.51 -29.26 24.71
C ALA A 241 1.29 -28.84 23.26
N THR A 242 2.14 -29.35 22.36
CA THR A 242 1.98 -28.97 20.96
C THR A 242 0.70 -29.53 20.38
N ALA A 243 0.36 -30.78 20.70
CA ALA A 243 -0.85 -31.39 20.17
C ALA A 243 -2.11 -30.77 20.78
N GLN A 244 -2.03 -30.28 22.01
CA GLN A 244 -3.20 -29.79 22.72
C GLN A 244 -3.33 -28.28 22.66
N HIS A 245 -2.48 -27.60 21.89
CA HIS A 245 -2.45 -26.14 21.97
C HIS A 245 -3.79 -25.56 21.53
N ALA A 246 -4.41 -26.12 20.49
CA ALA A 246 -5.68 -25.57 20.02
C ALA A 246 -6.80 -25.82 21.03
N ALA A 247 -6.84 -27.02 21.63
CA ALA A 247 -7.79 -27.29 22.71
C ALA A 247 -7.60 -26.34 23.89
N TYR A 248 -6.34 -26.04 24.22
CA TYR A 248 -6.03 -25.12 25.31
C TYR A 248 -6.59 -23.72 25.04
N LEU A 249 -6.35 -23.19 23.83
CA LEU A 249 -6.88 -21.86 23.50
C LEU A 249 -8.40 -21.83 23.56
N VAL A 250 -9.05 -22.92 23.14
CA VAL A 250 -10.50 -22.99 23.21
C VAL A 250 -10.99 -22.94 24.64
N GLU A 251 -10.40 -23.77 25.51
CA GLU A 251 -10.86 -23.81 26.91
C GLU A 251 -10.45 -22.55 27.66
N LEU A 252 -9.29 -21.97 27.33
CA LEU A 252 -8.86 -20.74 27.96
C LEU A 252 -9.81 -19.59 27.62
N ALA A 253 -10.19 -19.50 26.35
CA ALA A 253 -11.05 -18.42 25.89
C ALA A 253 -12.38 -18.41 26.63
N LYS A 254 -12.86 -19.57 27.08
CA LYS A 254 -14.13 -19.66 27.77
C LYS A 254 -14.12 -18.94 29.12
N ALA A 255 -12.96 -18.71 29.73
CA ALA A 255 -12.94 -18.13 31.07
C ALA A 255 -13.53 -16.73 31.08
N TRP A 256 -13.47 -16.03 29.95
CA TRP A 256 -13.88 -14.64 29.92
C TRP A 256 -15.29 -14.44 29.38
N ALA A 257 -15.96 -15.50 28.95
CA ALA A 257 -17.30 -15.37 28.41
C ALA A 257 -18.31 -15.11 29.51
N ARG A 258 -19.34 -14.33 29.17
CA ARG A 258 -20.47 -14.16 30.08
C ARG A 258 -21.55 -15.20 29.86
N GLU A 259 -21.65 -15.78 28.65
CA GLU A 259 -22.60 -16.87 28.41
C GLU A 259 -21.91 -18.20 28.57
N PRO A 260 -22.45 -19.13 29.38
CA PRO A 260 -21.73 -20.37 29.67
C PRO A 260 -21.55 -21.28 28.46
N ARG A 261 -22.34 -21.12 27.41
CA ARG A 261 -22.20 -21.93 26.22
C ARG A 261 -21.92 -21.10 24.97
N ARG A 262 -21.28 -19.95 25.14
CA ARG A 262 -20.84 -19.16 23.99
C ARG A 262 -19.91 -20.01 23.13
N PRO A 263 -20.18 -20.16 21.83
CA PRO A 263 -19.30 -20.98 20.99
C PRO A 263 -17.92 -20.37 20.82
N VAL A 264 -16.93 -21.25 20.69
CA VAL A 264 -15.57 -20.86 20.36
C VAL A 264 -15.23 -21.43 19.00
N TRP A 265 -14.82 -20.58 18.08
CA TRP A 265 -14.47 -20.95 16.72
C TRP A 265 -12.96 -21.06 16.62
N LEU A 266 -12.46 -22.27 16.40
CA LEU A 266 -11.05 -22.46 16.05
C LEU A 266 -10.90 -22.06 14.58
N GLN A 267 -10.74 -20.76 14.36
CA GLN A 267 -10.86 -20.19 13.03
C GLN A 267 -9.57 -20.29 12.22
N GLU A 268 -8.44 -20.52 12.88
CA GLU A 268 -7.20 -20.90 12.22
C GLU A 268 -6.53 -21.99 13.03
N VAL A 269 -6.03 -23.01 12.32
CA VAL A 269 -5.11 -23.99 12.86
C VAL A 269 -4.32 -24.53 11.68
N GLY A 270 -3.00 -24.63 11.83
CA GLY A 270 -2.14 -25.06 10.74
C GLY A 270 -0.97 -25.87 11.26
N ALA A 271 -0.19 -26.41 10.31
CA ALA A 271 0.95 -27.27 10.62
C ALA A 271 2.20 -26.64 10.03
N PRO A 272 2.85 -25.74 10.76
CA PRO A 272 3.94 -24.94 10.16
C PRO A 272 5.31 -25.59 10.31
N ALA A 273 5.97 -25.85 9.18
CA ALA A 273 7.35 -26.27 9.20
C ALA A 273 8.24 -25.13 9.67
N PRO A 274 9.33 -25.44 10.40
CA PRO A 274 9.85 -26.74 10.82
C PRO A 274 9.26 -27.25 12.12
N HIS A 275 8.44 -26.43 12.78
CA HIS A 275 7.92 -26.78 14.11
C HIS A 275 7.04 -28.02 14.04
N VAL A 276 6.25 -28.13 12.97
CA VAL A 276 5.62 -29.38 12.56
C VAL A 276 6.20 -29.72 11.19
N PRO A 277 7.14 -30.68 11.12
CA PRO A 277 7.76 -31.01 9.83
C PRO A 277 6.73 -31.59 8.88
N ALA A 278 7.00 -31.43 7.57
CA ALA A 278 6.06 -31.90 6.56
C ALA A 278 5.64 -33.35 6.80
N GLU A 279 6.58 -34.23 7.15
CA GLU A 279 6.25 -35.64 7.32
C GLU A 279 5.52 -35.93 8.63
N TYR A 280 5.33 -34.93 9.48
CA TYR A 280 4.53 -35.05 10.69
C TYR A 280 3.21 -34.32 10.60
N ALA A 281 2.98 -33.58 9.51
CA ALA A 281 1.81 -32.70 9.41
C ALA A 281 0.50 -33.48 9.52
N ALA A 282 0.41 -34.63 8.86
CA ALA A 282 -0.84 -35.38 8.89
C ALA A 282 -1.14 -35.89 10.30
N GLU A 283 -0.14 -36.46 10.97
N GLU A 283 -0.13 -36.46 10.96
CA GLU A 283 -0.34 -36.94 12.33
CA GLU A 283 -0.31 -36.93 12.33
C GLU A 283 -0.69 -35.79 13.27
C GLU A 283 -0.66 -35.79 13.27
N PHE A 284 -0.02 -34.64 13.10
CA PHE A 284 -0.28 -33.49 13.97
C PHE A 284 -1.70 -32.97 13.74
N ALA A 285 -2.12 -32.91 12.48
CA ALA A 285 -3.46 -32.44 12.16
C ALA A 285 -4.53 -33.29 12.83
N THR A 286 -4.41 -34.62 12.72
CA THR A 286 -5.38 -35.52 13.30
C THR A 286 -5.40 -35.40 14.82
N ALA A 287 -4.22 -35.32 15.44
CA ALA A 287 -4.16 -35.25 16.90
C ALA A 287 -4.72 -33.94 17.40
N THR A 288 -4.38 -32.84 16.72
CA THR A 288 -4.84 -31.53 17.14
C THR A 288 -6.36 -31.45 17.07
N ILE A 289 -6.94 -31.95 15.97
CA ILE A 289 -8.39 -31.90 15.80
C ILE A 289 -9.10 -32.84 16.76
N ASP A 290 -8.60 -34.07 16.94
CA ASP A 290 -9.16 -34.95 17.95
C ASP A 290 -9.21 -34.28 19.31
N ALA A 291 -8.14 -33.55 19.66
CA ALA A 291 -8.09 -32.93 20.98
C ALA A 291 -9.08 -31.78 21.10
N VAL A 292 -9.18 -30.97 20.04
N VAL A 292 -9.22 -30.97 20.04
CA VAL A 292 -10.10 -29.83 20.05
CA VAL A 292 -10.10 -29.82 20.15
C VAL A 292 -11.54 -30.30 20.17
C VAL A 292 -11.56 -30.25 20.11
N LEU A 293 -11.87 -31.39 19.47
CA LEU A 293 -13.25 -31.86 19.44
C LEU A 293 -13.67 -32.51 20.76
N ASP A 294 -12.75 -32.68 21.70
CA ASP A 294 -13.09 -33.07 23.06
C ASP A 294 -13.40 -31.85 23.94
N CYS A 295 -13.54 -30.67 23.33
CA CYS A 295 -13.95 -29.45 24.00
C CYS A 295 -15.39 -29.12 23.62
N PRO A 296 -16.29 -28.95 24.59
CA PRO A 296 -17.68 -28.61 24.27
C PRO A 296 -17.78 -27.26 23.56
N GLU A 297 -18.88 -27.11 22.81
CA GLU A 297 -19.26 -25.81 22.22
C GLU A 297 -18.26 -25.27 21.22
N VAL A 298 -17.57 -26.15 20.49
CA VAL A 298 -16.70 -25.70 19.39
C VAL A 298 -17.59 -25.40 18.19
N TRP A 299 -17.57 -24.14 17.75
CA TRP A 299 -18.38 -23.76 16.59
C TRP A 299 -17.89 -24.47 15.34
N GLY A 300 -16.58 -24.50 15.15
CA GLY A 300 -16.03 -25.15 13.98
C GLY A 300 -14.52 -25.17 14.03
N VAL A 301 -13.95 -25.88 13.07
CA VAL A 301 -12.51 -25.98 12.88
C VAL A 301 -12.23 -25.56 11.44
N THR A 302 -11.38 -24.54 11.27
CA THR A 302 -11.08 -23.97 9.95
C THR A 302 -9.58 -24.03 9.74
N TRP A 303 -9.14 -24.92 8.84
CA TRP A 303 -7.72 -25.15 8.64
C TRP A 303 -7.09 -23.99 7.87
N TRP A 304 -5.88 -23.60 8.28
CA TRP A 304 -5.02 -22.73 7.48
C TRP A 304 -3.94 -23.58 6.82
N CYS A 305 -4.00 -23.77 5.50
CA CYS A 305 -4.93 -23.10 4.59
C CYS A 305 -5.32 -24.09 3.48
N SER A 306 -6.13 -23.63 2.53
CA SER A 306 -6.62 -24.52 1.48
C SER A 306 -5.51 -24.97 0.55
N HIS A 307 -4.71 -24.02 0.07
CA HIS A 307 -3.75 -24.28 -0.99
C HIS A 307 -2.39 -23.68 -0.65
N ASP A 308 -1.33 -24.46 -0.91
CA ASP A 308 0.03 -23.95 -0.83
C ASP A 308 0.15 -22.62 -1.59
N VAL A 309 1.05 -21.77 -1.10
CA VAL A 309 1.33 -20.50 -1.75
C VAL A 309 2.33 -20.72 -2.88
N ASP A 310 2.04 -20.12 -4.04
CA ASP A 310 2.90 -20.22 -5.21
C ASP A 310 4.29 -19.69 -4.89
N ARG A 311 5.30 -20.57 -5.00
CA ARG A 311 6.68 -20.18 -4.76
C ARG A 311 7.18 -19.18 -5.80
N ARG A 312 6.46 -18.98 -6.91
N ARG A 312 6.46 -18.98 -6.91
CA ARG A 312 6.80 -17.91 -7.83
CA ARG A 312 6.80 -17.91 -7.84
C ARG A 312 6.61 -16.53 -7.21
C ARG A 312 6.56 -16.53 -7.24
N LEU A 313 5.91 -16.45 -6.07
CA LEU A 313 5.76 -15.22 -5.31
C LEU A 313 6.82 -15.21 -4.21
N ALA A 314 7.70 -14.20 -4.25
CA ALA A 314 8.89 -14.17 -3.39
C ALA A 314 8.61 -13.52 -2.03
N ASP A 315 9.53 -13.78 -1.09
CA ASP A 315 9.76 -13.09 0.17
C ASP A 315 8.84 -13.56 1.30
N PHE A 316 7.96 -14.53 1.07
CA PHE A 316 7.24 -15.14 2.18
C PHE A 316 8.24 -15.83 3.10
N PRO A 317 8.06 -15.77 4.42
CA PRO A 317 8.74 -16.73 5.30
C PRO A 317 8.47 -18.13 4.77
N GLU A 318 9.52 -18.96 4.78
CA GLU A 318 9.41 -20.30 4.19
C GLU A 318 8.20 -21.06 4.69
N LEU A 319 7.85 -20.92 5.97
CA LEU A 319 6.74 -21.70 6.52
C LEU A 319 5.44 -21.45 5.76
N GLU A 320 5.24 -20.24 5.22
CA GLU A 320 3.97 -19.93 4.60
C GLU A 320 3.70 -20.79 3.37
N TYR A 321 4.76 -21.18 2.66
CA TYR A 321 4.58 -21.81 1.36
C TYR A 321 3.85 -23.15 1.47
N SER A 322 4.08 -23.92 2.55
CA SER A 322 3.64 -25.30 2.61
C SER A 322 2.52 -25.51 3.61
N LEU A 323 1.75 -24.47 3.92
CA LEU A 323 0.65 -24.60 4.87
C LEU A 323 -0.63 -25.15 4.25
N GLY A 324 -0.67 -25.41 2.95
CA GLY A 324 -1.89 -25.88 2.33
C GLY A 324 -2.24 -27.32 2.70
N LEU A 325 -3.54 -27.64 2.60
CA LEU A 325 -3.97 -29.03 2.54
C LEU A 325 -3.86 -29.57 1.12
N LEU A 326 -3.84 -28.68 0.14
CA LEU A 326 -3.67 -29.01 -1.27
C LEU A 326 -2.42 -28.29 -1.78
N THR A 327 -1.77 -28.91 -2.76
CA THR A 327 -0.64 -28.27 -3.39
C THR A 327 -1.12 -27.10 -4.25
N GLN A 328 -0.17 -26.32 -4.75
CA GLN A 328 -0.52 -25.19 -5.60
C GLN A 328 -1.21 -25.62 -6.89
N ASP A 329 -0.98 -26.85 -7.37
CA ASP A 329 -1.75 -27.38 -8.49
C ASP A 329 -2.90 -28.28 -8.05
N ARG A 330 -3.41 -28.09 -6.84
CA ARG A 330 -4.66 -28.68 -6.34
C ARG A 330 -4.58 -30.20 -6.12
N ARG A 331 -3.40 -30.75 -5.84
CA ARG A 331 -3.28 -32.16 -5.46
C ARG A 331 -3.37 -32.28 -3.94
N VAL A 332 -3.98 -33.36 -3.47
CA VAL A 332 -4.22 -33.52 -2.04
C VAL A 332 -2.92 -33.91 -1.34
N LYS A 333 -2.53 -33.14 -0.33
CA LYS A 333 -1.34 -33.38 0.47
C LYS A 333 -1.64 -34.36 1.59
N PRO A 334 -0.61 -34.90 2.27
CA PRO A 334 -0.88 -35.84 3.36
C PRO A 334 -1.79 -35.29 4.46
N ALA A 335 -1.62 -34.03 4.86
CA ALA A 335 -2.54 -33.49 5.86
C ALA A 335 -3.93 -33.27 5.29
N GLY A 336 -4.04 -32.97 4.00
CA GLY A 336 -5.37 -32.87 3.39
C GLY A 336 -6.08 -34.21 3.40
N ARG A 337 -5.34 -35.28 3.06
CA ARG A 337 -5.91 -36.63 3.14
C ARG A 337 -6.33 -36.96 4.57
N ALA A 338 -5.50 -36.57 5.54
CA ALA A 338 -5.79 -36.82 6.94
C ALA A 338 -7.05 -36.09 7.40
N VAL A 339 -7.12 -34.79 7.15
CA VAL A 339 -8.28 -34.01 7.59
C VAL A 339 -9.55 -34.56 6.96
N ALA A 340 -9.46 -34.99 5.70
CA ALA A 340 -10.60 -35.56 4.99
C ALA A 340 -10.98 -36.93 5.55
N GLU A 341 -10.71 -37.15 6.83
CA GLU A 341 -11.27 -38.31 7.52
C GLU A 341 -11.49 -37.97 8.99
N ALA A 342 -10.63 -37.12 9.55
CA ALA A 342 -10.97 -36.44 10.80
C ALA A 342 -12.02 -35.37 10.52
N VAL A 343 -12.86 -35.60 9.51
CA VAL A 343 -14.03 -34.78 9.22
C VAL A 343 -15.21 -35.74 9.03
N ARG A 344 -15.02 -36.75 8.18
CA ARG A 344 -16.08 -37.74 7.99
C ARG A 344 -16.41 -38.45 9.30
N ARG A 345 -15.39 -38.79 10.08
CA ARG A 345 -15.60 -39.43 11.38
C ARG A 345 -16.06 -38.41 12.42
N TRP A 346 -15.44 -37.22 12.41
CA TRP A 346 -15.81 -36.18 13.37
C TRP A 346 -17.26 -35.74 13.17
N ARG A 347 -17.61 -35.42 11.92
CA ARG A 347 -19.02 -35.32 11.58
C ARG A 347 -19.68 -36.68 11.72
N THR A 348 -20.98 -36.68 11.98
CA THR A 348 -21.83 -37.88 11.94
C THR A 348 -21.51 -38.94 13.01
N GLU A 349 -20.24 -39.24 13.26
CA GLU A 349 -19.87 -40.37 14.13
C GLU A 349 -19.28 -39.98 15.48
N THR A 350 -19.02 -38.69 15.73
CA THR A 350 -18.35 -38.33 16.97
C THR A 350 -19.34 -37.63 17.90
N PRO A 351 -19.66 -38.22 19.05
CA PRO A 351 -20.59 -37.58 19.98
C PRO A 351 -20.05 -36.24 20.47
N ALA A 352 -20.96 -35.32 20.75
CA ALA A 352 -20.59 -34.11 21.43
C ALA A 352 -19.89 -34.46 22.74
N PRO A 353 -18.74 -33.87 23.05
CA PRO A 353 -17.98 -34.31 24.22
C PRO A 353 -18.71 -34.00 25.52
N ARG A 354 -18.39 -34.78 26.55
CA ARG A 354 -18.97 -34.55 27.87
C ARG A 354 -18.51 -33.20 28.40
N PRO A 355 -19.26 -32.62 29.33
CA PRO A 355 -18.80 -31.40 30.00
C PRO A 355 -17.47 -31.60 30.70
N ARG A 356 -16.65 -30.55 30.68
CA ARG A 356 -15.40 -30.53 31.45
C ARG A 356 -15.70 -29.91 32.82
N THR A 357 -15.63 -30.73 33.86
CA THR A 357 -16.10 -30.37 35.20
C THR A 357 -14.98 -29.88 36.12
N THR A 358 -13.72 -30.05 35.73
CA THR A 358 -12.58 -29.55 36.49
C THR A 358 -12.05 -28.30 35.82
N ALA A 359 -11.99 -27.21 36.58
CA ALA A 359 -11.54 -25.92 36.04
C ALA A 359 -10.25 -25.49 36.72
N LEU A 360 -9.29 -25.07 35.91
CA LEU A 360 -8.04 -24.49 36.38
C LEU A 360 -8.21 -22.99 36.57
N VAL A 361 -7.80 -22.49 37.74
CA VAL A 361 -7.93 -21.05 38.01
C VAL A 361 -6.93 -20.27 37.19
N VAL A 362 -7.41 -19.19 36.56
CA VAL A 362 -6.58 -18.34 35.71
C VAL A 362 -6.56 -16.97 36.36
N ASP A 363 -5.42 -16.62 36.98
CA ASP A 363 -5.24 -15.32 37.61
C ASP A 363 -4.41 -14.47 36.66
N VAL A 364 -5.09 -13.53 36.04
CA VAL A 364 -4.56 -12.70 34.99
C VAL A 364 -4.46 -11.25 35.45
N GLY A 365 -4.64 -11.02 36.75
CA GLY A 365 -4.66 -9.69 37.31
C GLY A 365 -6.08 -9.19 37.40
N PRO A 366 -6.31 -8.16 38.19
CA PRO A 366 -7.68 -7.66 38.39
C PRO A 366 -8.08 -6.73 37.26
N GLY A 367 -9.37 -6.40 37.23
CA GLY A 367 -9.92 -5.60 36.15
C GLY A 367 -10.21 -6.45 34.94
N ASP A 368 -10.50 -5.78 33.83
CA ASP A 368 -10.80 -6.47 32.58
C ASP A 368 -9.70 -6.35 31.54
N GLN A 369 -8.50 -5.90 31.92
CA GLN A 369 -7.45 -5.64 30.95
C GLN A 369 -6.30 -6.64 31.02
N ALA A 370 -6.39 -7.63 31.88
CA ALA A 370 -5.51 -8.80 31.84
C ALA A 370 -4.01 -8.46 31.86
N PRO A 371 -3.55 -7.66 32.82
CA PRO A 371 -2.16 -7.18 32.77
C PRO A 371 -1.13 -8.24 33.08
N ALA A 372 -1.53 -9.43 33.53
CA ALA A 372 -0.62 -10.53 33.82
C ALA A 372 -0.96 -11.76 33.00
N ARG A 373 -1.51 -11.56 31.80
CA ARG A 373 -1.99 -12.68 31.01
C ARG A 373 -0.88 -13.58 30.49
N SER A 374 0.37 -13.14 30.54
CA SER A 374 1.47 -13.97 30.09
C SER A 374 1.62 -15.26 30.91
N VAL A 375 0.99 -15.35 32.08
CA VAL A 375 0.95 -16.64 32.79
C VAL A 375 0.30 -17.70 31.92
N CYS A 376 -0.49 -17.29 30.92
CA CYS A 376 -1.18 -18.19 30.00
C CYS A 376 -0.34 -18.56 28.79
N ALA A 377 0.76 -17.86 28.54
CA ALA A 377 1.59 -18.09 27.37
C ALA A 377 2.44 -19.35 27.58
N PRO A 378 3.01 -19.90 26.49
CA PRO A 378 3.96 -21.02 26.65
C PRO A 378 5.01 -20.69 27.70
N GLY A 379 5.23 -21.63 28.63
CA GLY A 379 6.15 -21.41 29.72
C GLY A 379 5.53 -20.78 30.96
N GLY A 380 4.29 -20.31 30.87
CA GLY A 380 3.65 -19.72 32.03
C GLY A 380 3.00 -20.75 32.93
N ALA A 381 2.72 -20.35 34.17
CA ALA A 381 2.22 -21.32 35.15
C ALA A 381 0.85 -21.85 34.78
N VAL A 382 -0.01 -21.03 34.17
CA VAL A 382 -1.34 -21.48 33.78
C VAL A 382 -1.24 -22.45 32.60
N PHE A 383 -0.45 -22.10 31.59
CA PHE A 383 -0.20 -22.98 30.46
C PHE A 383 0.25 -24.36 30.91
N GLU A 384 1.28 -24.40 31.78
CA GLU A 384 1.87 -25.69 32.14
C GLU A 384 0.94 -26.49 33.04
N ALA A 385 0.18 -25.82 33.92
CA ALA A 385 -0.79 -26.54 34.75
C ALA A 385 -1.90 -27.13 33.89
N PHE A 386 -2.36 -26.39 32.86
CA PHE A 386 -3.38 -26.94 31.97
C PHE A 386 -2.87 -28.18 31.26
N MET A 387 -1.64 -28.13 30.72
CA MET A 387 -1.08 -29.28 30.03
C MET A 387 -0.83 -30.46 30.96
N ARG A 388 -0.45 -30.19 32.21
CA ARG A 388 -0.28 -31.28 33.18
C ARG A 388 -1.62 -31.94 33.49
N LEU A 389 -2.64 -31.14 33.78
CA LEU A 389 -3.98 -31.70 33.98
C LEU A 389 -4.44 -32.47 32.76
N THR A 390 -4.13 -31.96 31.56
CA THR A 390 -4.51 -32.65 30.34
C THR A 390 -3.83 -34.00 30.23
N ALA A 391 -2.50 -34.03 30.45
CA ALA A 391 -1.78 -35.30 30.36
C ALA A 391 -2.30 -36.30 31.38
N GLN A 392 -2.73 -35.83 32.54
CA GLN A 392 -3.28 -36.70 33.57
C GLN A 392 -4.67 -37.22 33.25
N GLY A 393 -5.30 -36.73 32.18
CA GLY A 393 -6.63 -37.18 31.83
C GLY A 393 -7.77 -36.43 32.49
N ALA A 394 -7.49 -35.26 33.08
CA ALA A 394 -8.48 -34.51 33.84
C ALA A 394 -9.42 -33.68 32.98
N ARG A 395 -9.12 -33.52 31.68
CA ARG A 395 -9.97 -32.78 30.76
C ARG A 395 -10.33 -31.39 31.30
N PRO A 396 -9.34 -30.56 31.60
CA PRO A 396 -9.62 -29.29 32.27
C PRO A 396 -10.29 -28.26 31.36
N THR A 397 -11.13 -27.43 31.99
CA THR A 397 -11.49 -26.12 31.46
C THR A 397 -10.77 -25.07 32.31
N THR A 398 -11.21 -23.82 32.21
CA THR A 398 -10.57 -22.73 32.93
C THR A 398 -11.65 -21.85 33.56
N VAL A 399 -11.26 -21.15 34.61
CA VAL A 399 -12.14 -20.21 35.31
C VAL A 399 -11.29 -19.04 35.80
N LEU A 400 -11.80 -17.83 35.65
CA LEU A 400 -11.09 -16.67 36.13
C LEU A 400 -11.02 -16.70 37.65
N ALA A 401 -9.90 -16.20 38.18
CA ALA A 401 -9.75 -16.08 39.63
C ALA A 401 -10.96 -15.38 40.25
N GLU A 402 -11.47 -14.33 39.59
CA GLU A 402 -12.62 -13.61 40.13
C GLU A 402 -13.86 -14.48 40.27
N HIS A 403 -13.93 -15.60 39.54
CA HIS A 403 -15.08 -16.49 39.57
C HIS A 403 -14.79 -17.82 40.25
N ALA A 404 -13.60 -18.01 40.80
CA ALA A 404 -13.19 -19.33 41.27
C ALA A 404 -14.06 -19.84 42.42
N THR A 405 -14.72 -18.96 43.18
CA THR A 405 -15.66 -19.39 44.20
C THR A 405 -17.07 -18.86 43.94
N ASP A 406 -17.33 -18.40 42.73
CA ASP A 406 -18.64 -17.87 42.33
C ASP A 406 -19.53 -19.07 42.01
N ALA A 407 -20.40 -19.43 42.95
CA ALA A 407 -21.17 -20.66 42.81
C ALA A 407 -22.10 -20.61 41.61
N ASP A 408 -22.69 -19.45 41.34
CA ASP A 408 -23.58 -19.32 40.18
C ASP A 408 -22.80 -19.49 38.88
N HIS A 409 -21.63 -18.86 38.78
CA HIS A 409 -20.81 -19.01 37.58
C HIS A 409 -20.42 -20.47 37.37
N LEU A 410 -19.97 -21.13 38.44
CA LEU A 410 -19.52 -22.52 38.31
C LEU A 410 -20.67 -23.44 37.96
N ALA A 411 -21.83 -23.26 38.61
CA ALA A 411 -22.97 -24.12 38.36
C ALA A 411 -23.48 -23.99 36.93
N ALA A 412 -23.52 -22.75 36.41
CA ALA A 412 -23.97 -22.54 35.03
C ALA A 412 -23.11 -23.29 34.04
N ARG A 413 -21.82 -23.48 34.35
CA ARG A 413 -20.89 -24.19 33.48
C ARG A 413 -20.69 -25.65 33.89
N GLY A 414 -21.45 -26.13 34.88
CA GLY A 414 -21.29 -27.51 35.31
C GLY A 414 -19.94 -27.83 35.89
N ILE A 415 -19.24 -26.83 36.41
CA ILE A 415 -17.94 -27.05 37.04
C ILE A 415 -18.16 -27.48 38.49
N THR A 416 -17.60 -28.63 38.85
CA THR A 416 -17.73 -29.18 40.21
C THR A 416 -16.42 -29.17 40.98
N GLU A 417 -15.28 -28.93 40.33
CA GLU A 417 -13.98 -28.94 40.99
C GLU A 417 -13.13 -27.82 40.42
N VAL A 418 -12.47 -27.08 41.31
CA VAL A 418 -11.65 -25.93 40.94
C VAL A 418 -10.26 -26.11 41.54
N VAL A 419 -9.22 -26.01 40.71
CA VAL A 419 -7.84 -26.19 41.14
C VAL A 419 -6.99 -25.05 40.62
N THR A 420 -6.03 -24.61 41.44
CA THR A 420 -5.10 -23.57 41.02
C THR A 420 -3.87 -24.20 40.38
N PRO A 421 -3.11 -23.42 39.61
CA PRO A 421 -1.81 -23.95 39.11
C PRO A 421 -0.92 -24.45 40.23
N HIS A 422 -0.98 -23.80 41.39
CA HIS A 422 -0.19 -24.24 42.55
C HIS A 422 -0.65 -25.61 43.04
N ASP A 423 -1.96 -25.85 43.07
CA ASP A 423 -2.46 -27.18 43.44
C ASP A 423 -1.93 -28.25 42.49
N VAL A 424 -1.81 -27.92 41.21
CA VAL A 424 -1.34 -28.89 40.24
C VAL A 424 0.14 -29.19 40.45
N HIS A 425 0.89 -28.21 40.97
CA HIS A 425 2.33 -28.27 41.33
C HIS A 425 3.22 -27.91 40.16
N ARG B 12 16.24 21.22 -31.54
CA ARG B 12 14.83 20.86 -31.69
C ARG B 12 13.94 21.89 -31.00
N SER B 13 12.70 22.00 -31.47
CA SER B 13 11.71 22.95 -31.01
C SER B 13 10.98 22.41 -29.77
N PRO B 14 10.38 23.29 -28.95
CA PRO B 14 9.72 22.81 -27.73
C PRO B 14 8.44 22.04 -28.04
N ARG B 15 8.22 20.99 -27.26
CA ARG B 15 7.02 20.17 -27.31
C ARG B 15 6.04 20.59 -26.22
N PHE B 16 4.77 20.26 -26.41
CA PHE B 16 3.71 20.66 -25.52
C PHE B 16 2.87 19.43 -25.16
N GLY B 17 2.62 19.24 -23.86
CA GLY B 17 1.90 18.06 -23.44
C GLY B 17 1.30 18.26 -22.07
N VAL B 18 0.70 17.17 -21.56
CA VAL B 18 0.06 17.22 -20.25
C VAL B 18 0.44 15.97 -19.46
N ASN B 19 0.46 16.13 -18.14
CA ASN B 19 0.44 15.00 -17.23
C ASN B 19 -0.97 14.45 -17.15
N TYR B 20 -1.14 13.17 -17.50
CA TYR B 20 -2.47 12.59 -17.70
C TYR B 20 -3.02 12.09 -16.37
N THR B 21 -4.07 12.76 -15.87
CA THR B 21 -4.83 12.32 -14.71
C THR B 21 -6.17 11.75 -15.19
N PRO B 22 -6.36 10.43 -15.19
CA PRO B 22 -7.62 9.86 -15.72
C PRO B 22 -8.84 10.41 -15.01
N SER B 23 -9.82 10.85 -15.79
CA SER B 23 -10.97 11.52 -15.20
C SER B 23 -11.85 10.56 -14.41
N ASN B 24 -11.96 9.32 -14.87
CA ASN B 24 -12.75 8.30 -14.19
C ASN B 24 -11.82 7.38 -13.41
N GLY B 25 -11.78 7.56 -12.09
CA GLY B 25 -10.97 6.71 -11.24
C GLY B 25 -9.61 7.27 -10.85
N TRP B 26 -9.17 8.37 -11.47
CA TRP B 26 -7.85 8.92 -11.19
C TRP B 26 -6.83 7.81 -11.46
N PHE B 27 -5.69 7.81 -10.78
CA PHE B 27 -4.72 6.75 -11.05
C PHE B 27 -5.17 5.39 -10.54
N HIS B 28 -6.25 5.32 -9.77
CA HIS B 28 -6.83 4.03 -9.45
C HIS B 28 -7.53 3.40 -10.65
N HIS B 29 -7.52 4.06 -11.82
CA HIS B 29 -8.19 3.46 -12.98
C HIS B 29 -7.54 2.15 -13.41
N TRP B 30 -6.29 1.88 -13.00
CA TRP B 30 -5.72 0.57 -13.32
C TRP B 30 -6.52 -0.57 -12.70
N LEU B 31 -7.29 -0.30 -11.64
CA LEU B 31 -8.11 -1.33 -11.01
C LEU B 31 -9.44 -1.53 -11.71
N ASP B 32 -9.84 -0.61 -12.60
CA ASP B 32 -11.10 -0.64 -13.31
C ASP B 32 -10.84 -0.07 -14.69
N PHE B 33 -9.93 -0.73 -15.41
CA PHE B 33 -9.38 -0.14 -16.62
C PHE B 33 -10.43 -0.10 -17.72
N ASP B 34 -10.72 1.11 -18.19
CA ASP B 34 -11.76 1.38 -19.17
C ASP B 34 -11.09 2.11 -20.31
N LEU B 35 -10.80 1.40 -21.41
CA LEU B 35 -10.09 2.01 -22.52
C LEU B 35 -10.92 3.09 -23.22
N ASP B 36 -12.25 2.93 -23.27
CA ASP B 36 -13.08 3.95 -23.90
C ASP B 36 -13.06 5.25 -23.10
N ALA B 37 -12.98 5.15 -21.77
CA ALA B 37 -12.84 6.35 -20.94
C ALA B 37 -11.47 6.99 -21.15
N VAL B 38 -10.43 6.18 -21.30
CA VAL B 38 -9.12 6.72 -21.63
C VAL B 38 -9.14 7.40 -23.00
N ARG B 39 -9.79 6.77 -23.97
CA ARG B 39 -9.87 7.37 -25.31
C ARG B 39 -10.58 8.73 -25.28
N ALA B 40 -11.70 8.81 -24.55
CA ALA B 40 -12.40 10.08 -24.45
C ALA B 40 -11.56 11.14 -23.74
N ASP B 41 -10.84 10.73 -22.69
CA ASP B 41 -9.89 11.63 -22.02
C ASP B 41 -8.85 12.16 -23.02
N LEU B 42 -8.21 11.25 -23.76
CA LEU B 42 -7.17 11.66 -24.69
C LEU B 42 -7.75 12.45 -25.86
N ASP B 43 -8.99 12.16 -26.27
CA ASP B 43 -9.66 12.99 -27.25
C ASP B 43 -9.68 14.44 -26.82
N SER B 44 -10.01 14.69 -25.54
CA SER B 44 -10.14 16.06 -25.09
C SER B 44 -8.78 16.73 -24.97
N VAL B 45 -7.73 15.94 -24.78
CA VAL B 45 -6.37 16.47 -24.72
C VAL B 45 -5.87 16.82 -26.11
N ALA B 46 -6.10 15.94 -27.08
CA ALA B 46 -5.69 16.21 -28.46
C ALA B 46 -6.40 17.42 -29.05
N ALA B 47 -7.64 17.68 -28.62
CA ALA B 47 -8.38 18.84 -29.10
C ALA B 47 -7.68 20.15 -28.74
N LEU B 48 -6.89 20.16 -27.67
CA LEU B 48 -6.16 21.36 -27.26
C LEU B 48 -4.81 21.48 -27.96
N GLY B 49 -4.42 20.52 -28.79
CA GLY B 49 -3.25 20.66 -29.63
C GLY B 49 -1.97 20.10 -29.05
N PHE B 50 -2.04 19.34 -27.97
CA PHE B 50 -0.84 18.79 -27.33
C PHE B 50 -0.23 17.70 -28.20
N ASP B 51 1.05 17.43 -27.97
CA ASP B 51 1.74 16.39 -28.71
C ASP B 51 2.29 15.25 -27.86
N HIS B 52 2.12 15.28 -26.53
CA HIS B 52 2.56 14.14 -25.72
C HIS B 52 1.79 14.14 -24.42
N VAL B 53 1.83 12.99 -23.75
CA VAL B 53 1.31 12.85 -22.39
C VAL B 53 2.40 12.18 -21.56
N ARG B 54 2.41 12.51 -20.27
CA ARG B 54 3.19 11.81 -19.26
C ARG B 54 2.22 10.99 -18.44
N VAL B 55 2.46 9.67 -18.31
CA VAL B 55 1.48 8.76 -17.74
C VAL B 55 2.08 7.96 -16.58
N PHE B 56 1.20 7.50 -15.70
CA PHE B 56 1.59 7.01 -14.38
C PHE B 56 0.99 5.65 -14.03
N PRO B 57 1.79 4.58 -14.17
CA PRO B 57 1.46 3.34 -13.46
C PRO B 57 1.43 3.56 -11.97
N LEU B 58 0.66 2.74 -11.27
CA LEU B 58 0.74 2.63 -9.81
C LEU B 58 1.61 1.41 -9.51
N TRP B 59 2.81 1.65 -8.96
CA TRP B 59 3.79 0.58 -8.76
C TRP B 59 3.24 -0.62 -7.99
N PRO B 60 2.59 -0.47 -6.83
CA PRO B 60 2.08 -1.67 -6.14
C PRO B 60 1.02 -2.42 -6.92
N VAL B 61 0.28 -1.74 -7.80
CA VAL B 61 -0.68 -2.44 -8.64
C VAL B 61 0.03 -3.20 -9.76
N PHE B 62 1.11 -2.64 -10.30
CA PHE B 62 1.84 -3.31 -11.36
C PHE B 62 2.75 -4.41 -10.84
N GLN B 63 3.30 -4.25 -9.64
CA GLN B 63 4.25 -5.21 -9.06
C GLN B 63 3.85 -5.53 -7.63
N PRO B 64 2.75 -6.26 -7.44
CA PRO B 64 2.22 -6.46 -6.09
C PRO B 64 3.08 -7.36 -5.22
N ASN B 65 3.92 -8.18 -5.85
CA ASN B 65 4.93 -8.99 -5.20
C ASN B 65 6.24 -8.76 -5.93
N ARG B 66 7.36 -8.80 -5.22
CA ARG B 66 8.63 -8.45 -5.86
C ARG B 66 8.87 -9.24 -7.14
N THR B 67 8.38 -10.48 -7.20
CA THR B 67 8.61 -11.29 -8.39
C THR B 67 7.32 -11.59 -9.15
N LEU B 68 6.35 -10.68 -9.07
CA LEU B 68 5.17 -10.72 -9.93
C LEU B 68 4.96 -9.33 -10.51
N ILE B 69 5.33 -9.16 -11.78
CA ILE B 69 4.97 -7.99 -12.57
C ILE B 69 3.79 -8.42 -13.43
N ARG B 70 2.63 -7.86 -13.16
CA ARG B 70 1.39 -8.40 -13.71
C ARG B 70 1.33 -8.19 -15.21
N PRO B 71 1.25 -9.25 -16.00
CA PRO B 71 1.12 -9.11 -17.46
C PRO B 71 -0.06 -8.24 -17.88
N ARG B 72 -1.18 -8.28 -17.15
CA ARG B 72 -2.35 -7.51 -17.55
C ARG B 72 -2.12 -6.01 -17.39
N ALA B 73 -1.41 -5.61 -16.33
CA ALA B 73 -1.10 -4.21 -16.13
C ALA B 73 -0.20 -3.69 -17.24
N VAL B 74 0.78 -4.50 -17.62
CA VAL B 74 1.67 -4.15 -18.73
C VAL B 74 0.86 -3.98 -20.01
N GLU B 75 -0.08 -4.88 -20.27
CA GLU B 75 -0.87 -4.79 -21.49
C GLU B 75 -1.85 -3.61 -21.46
N GLN B 76 -2.38 -3.25 -20.29
CA GLN B 76 -3.21 -2.05 -20.18
C GLN B 76 -2.39 -0.81 -20.48
N LEU B 77 -1.16 -0.75 -19.98
CA LEU B 77 -0.28 0.37 -20.27
C LEU B 77 0.02 0.47 -21.76
N ALA B 78 0.22 -0.68 -22.43
CA ALA B 78 0.42 -0.66 -23.88
C ALA B 78 -0.84 -0.18 -24.59
N ALA B 79 -2.02 -0.60 -24.13
CA ALA B 79 -3.26 -0.16 -24.76
C ALA B 79 -3.45 1.34 -24.60
N LEU B 80 -3.09 1.87 -23.42
CA LEU B 80 -3.12 3.31 -23.24
C LEU B 80 -2.14 4.00 -24.17
N THR B 81 -0.95 3.42 -24.34
CA THR B 81 0.06 4.03 -25.20
C THR B 81 -0.41 4.03 -26.65
N ASP B 82 -1.10 2.96 -27.07
CA ASP B 82 -1.63 2.93 -28.43
C ASP B 82 -2.75 3.94 -28.61
N ALA B 83 -3.63 4.06 -27.62
CA ALA B 83 -4.69 5.07 -27.72
C ALA B 83 -4.10 6.47 -27.84
N ALA B 84 -3.01 6.72 -27.13
CA ALA B 84 -2.36 8.02 -27.23
C ALA B 84 -1.74 8.22 -28.62
N GLY B 85 -1.01 7.22 -29.12
CA GLY B 85 -0.38 7.37 -30.43
C GLY B 85 -1.36 7.65 -31.55
N GLU B 86 -2.52 6.98 -31.51
CA GLU B 86 -3.55 7.22 -32.52
C GLU B 86 -3.94 8.69 -32.59
N ARG B 87 -3.92 9.36 -31.44
CA ARG B 87 -4.33 10.75 -31.31
C ARG B 87 -3.15 11.70 -31.43
N GLY B 88 -2.01 11.20 -31.90
CA GLY B 88 -0.85 12.05 -32.09
C GLY B 88 -0.17 12.46 -30.80
N LEU B 89 -0.30 11.64 -29.75
CA LEU B 89 0.31 11.92 -28.46
C LEU B 89 1.40 10.89 -28.22
N ASP B 90 2.65 11.34 -28.19
CA ASP B 90 3.75 10.50 -27.72
C ASP B 90 3.64 10.33 -26.20
N VAL B 91 4.29 9.28 -25.67
CA VAL B 91 4.07 8.87 -24.29
C VAL B 91 5.40 8.74 -23.55
N ASN B 92 5.53 9.46 -22.44
CA ASN B 92 6.57 9.21 -21.45
C ASN B 92 5.94 8.46 -20.28
N VAL B 93 6.57 7.38 -19.83
CA VAL B 93 6.04 6.58 -18.73
C VAL B 93 6.92 6.80 -17.51
N ASP B 94 6.30 7.25 -16.41
CA ASP B 94 6.97 7.27 -15.11
C ASP B 94 6.81 5.91 -14.44
N GLY B 95 7.91 5.34 -13.97
CA GLY B 95 7.81 4.01 -13.42
C GLY B 95 7.42 3.91 -11.95
N LEU B 96 8.24 4.45 -11.05
CA LEU B 96 8.12 4.16 -9.63
C LEU B 96 7.26 5.21 -8.91
N GLN B 97 5.93 5.00 -8.97
CA GLN B 97 4.96 5.72 -8.13
C GLN B 97 4.42 4.71 -7.11
N GLY B 98 4.92 4.76 -5.89
CA GLY B 98 5.73 5.88 -5.44
C GLY B 98 4.81 7.00 -5.01
N HIS B 99 5.23 8.23 -5.21
CA HIS B 99 4.46 9.38 -4.74
C HIS B 99 3.58 9.98 -5.83
N LEU B 100 2.32 10.24 -5.50
CA LEU B 100 1.42 10.99 -6.38
C LEU B 100 0.47 11.83 -5.55
N SER B 101 0.57 13.16 -5.70
CA SER B 101 -0.45 14.11 -5.22
C SER B 101 -0.77 13.92 -3.74
N SER B 102 0.29 13.77 -2.92
CA SER B 102 0.32 13.70 -1.45
C SER B 102 0.24 12.27 -0.93
N PHE B 103 -0.07 11.30 -1.78
CA PHE B 103 -0.15 9.89 -1.39
C PHE B 103 1.10 9.11 -1.80
N ASP B 104 1.59 8.27 -0.89
CA ASP B 104 2.64 7.32 -1.17
C ASP B 104 2.03 5.96 -1.45
N PHE B 105 2.35 5.39 -2.62
CA PHE B 105 1.90 4.06 -3.02
C PHE B 105 3.09 3.12 -2.94
N LEU B 106 3.22 2.43 -1.80
CA LEU B 106 4.38 1.57 -1.57
C LEU B 106 3.96 0.11 -1.54
N PRO B 107 4.67 -0.79 -2.24
CA PRO B 107 4.29 -2.19 -2.22
C PRO B 107 4.46 -2.79 -0.84
N ALA B 108 3.61 -3.77 -0.52
CA ALA B 108 3.65 -4.39 0.80
C ALA B 108 5.00 -5.03 1.06
N TRP B 109 5.72 -5.41 0.02
CA TRP B 109 7.00 -6.08 0.17
C TRP B 109 8.15 -5.11 0.37
N THR B 110 7.86 -3.82 0.51
CA THR B 110 8.86 -2.83 0.88
C THR B 110 8.66 -2.23 2.27
N THR B 111 7.61 -2.62 3.00
CA THR B 111 7.21 -1.87 4.19
C THR B 111 7.02 -2.81 5.38
N THR B 112 6.94 -2.18 6.57
CA THR B 112 6.80 -2.77 7.92
C THR B 112 7.60 -4.06 8.07
N TRP B 113 6.94 -5.22 8.10
CA TRP B 113 7.67 -6.48 8.31
C TRP B 113 8.71 -6.72 7.22
N HIS B 114 8.52 -6.13 6.04
CA HIS B 114 9.43 -6.24 4.92
C HIS B 114 10.13 -4.92 4.62
N ARG B 115 10.22 -4.02 5.58
CA ARG B 115 10.80 -2.71 5.31
C ARG B 115 12.22 -2.86 4.78
N ARG B 116 12.44 -2.39 3.56
CA ARG B 116 13.72 -2.52 2.87
C ARG B 116 13.93 -1.25 2.07
N ASN B 117 15.07 -0.60 2.29
CA ASN B 117 15.33 0.74 1.73
C ASN B 117 15.16 0.75 0.21
N LEU B 118 14.35 1.71 -0.28
CA LEU B 118 13.99 1.77 -1.70
C LEU B 118 15.19 2.00 -2.58
N PHE B 119 16.25 2.60 -2.03
CA PHE B 119 17.40 2.98 -2.82
C PHE B 119 18.61 2.07 -2.67
N THR B 120 18.69 1.28 -1.59
CA THR B 120 19.88 0.48 -1.29
C THR B 120 19.63 -1.02 -1.09
N ASP B 121 18.40 -1.45 -0.83
CA ASP B 121 18.21 -2.87 -0.54
C ASP B 121 18.47 -3.70 -1.80
N PRO B 122 19.35 -4.71 -1.75
CA PRO B 122 19.68 -5.44 -2.98
C PRO B 122 18.47 -6.05 -3.67
N ASP B 123 17.53 -6.60 -2.92
CA ASP B 123 16.41 -7.29 -3.54
C ASP B 123 15.34 -6.31 -4.03
N VAL B 124 15.07 -5.24 -3.29
CA VAL B 124 14.12 -4.23 -3.77
C VAL B 124 14.65 -3.57 -5.03
N VAL B 125 15.94 -3.25 -5.04
CA VAL B 125 16.53 -2.56 -6.18
C VAL B 125 16.55 -3.46 -7.40
N SER B 126 16.83 -4.75 -7.21
CA SER B 126 16.76 -5.66 -8.34
C SER B 126 15.32 -5.76 -8.84
N GLY B 127 14.37 -5.73 -7.91
CA GLY B 127 12.96 -5.76 -8.30
C GLY B 127 12.56 -4.52 -9.09
N GLN B 128 13.04 -3.35 -8.67
CA GLN B 128 12.72 -2.10 -9.38
C GLN B 128 13.31 -2.11 -10.78
N ALA B 129 14.56 -2.58 -10.91
CA ALA B 129 15.22 -2.62 -12.21
C ALA B 129 14.48 -3.53 -13.18
N GLU B 130 14.02 -4.69 -12.69
CA GLU B 130 13.31 -5.61 -13.59
C GLU B 130 11.96 -5.04 -14.00
N TYR B 131 11.29 -4.34 -13.08
CA TYR B 131 10.05 -3.65 -13.38
C TYR B 131 10.22 -2.60 -14.47
N LEU B 132 11.22 -1.72 -14.32
CA LEU B 132 11.44 -0.67 -15.32
C LEU B 132 11.85 -1.26 -16.66
N ARG B 133 12.75 -2.25 -16.65
CA ARG B 133 13.13 -2.92 -17.88
C ARG B 133 11.92 -3.56 -18.56
N THR B 134 11.04 -4.18 -17.77
CA THR B 134 9.86 -4.85 -18.32
C THR B 134 8.92 -3.85 -18.99
N LEU B 135 8.65 -2.71 -18.32
CA LEU B 135 7.79 -1.70 -18.94
C LEU B 135 8.40 -1.19 -20.23
N ALA B 136 9.68 -0.83 -20.19
CA ALA B 136 10.34 -0.28 -21.37
C ALA B 136 10.35 -1.28 -22.51
N ALA B 137 10.66 -2.57 -22.24
CA ALA B 137 10.69 -3.55 -23.31
C ALA B 137 9.31 -3.75 -23.93
N ALA B 138 8.27 -3.70 -23.10
CA ALA B 138 6.91 -3.94 -23.59
C ALA B 138 6.42 -2.80 -24.47
N LEU B 139 6.99 -1.61 -24.32
CA LEU B 139 6.59 -0.45 -25.08
C LEU B 139 7.56 -0.10 -26.21
N ALA B 140 8.66 -0.85 -26.33
CA ALA B 140 9.73 -0.47 -27.25
C ALA B 140 9.29 -0.51 -28.71
N ASP B 141 8.33 -1.38 -29.06
N ASP B 141 8.34 -1.38 -29.06
CA ASP B 141 7.85 -1.48 -30.44
CA ASP B 141 7.89 -1.46 -30.44
C ASP B 141 6.83 -0.41 -30.80
C ASP B 141 6.78 -0.47 -30.77
N ARG B 142 6.52 0.49 -29.86
CA ARG B 142 5.55 1.58 -30.12
C ARG B 142 6.30 2.81 -30.61
N PRO B 143 6.08 3.26 -31.85
CA PRO B 143 6.82 4.45 -32.32
C PRO B 143 6.55 5.70 -31.51
N ASN B 144 5.43 5.78 -30.80
CA ASN B 144 5.11 6.97 -30.03
C ASN B 144 5.59 6.87 -28.58
N PHE B 145 6.25 5.78 -28.20
CA PHE B 145 6.83 5.67 -26.86
C PHE B 145 8.11 6.50 -26.80
N LEU B 146 8.09 7.53 -25.96
CA LEU B 146 9.24 8.41 -25.81
C LEU B 146 10.34 7.75 -25.00
N GLY B 147 9.97 7.13 -23.89
CA GLY B 147 10.94 6.53 -23.00
C GLY B 147 10.38 6.56 -21.58
N MET B 148 11.26 6.26 -20.63
CA MET B 148 10.89 6.15 -19.23
C MET B 148 11.43 7.34 -18.43
N THR B 149 10.64 7.77 -17.44
CA THR B 149 11.15 8.54 -16.30
C THR B 149 11.18 7.59 -15.11
N VAL B 150 12.28 7.59 -14.36
CA VAL B 150 12.47 6.56 -13.34
C VAL B 150 11.27 6.52 -12.38
N GLY B 151 10.84 7.68 -11.89
CA GLY B 151 9.65 7.75 -11.05
C GLY B 151 9.37 9.20 -10.66
N ASN B 152 8.11 9.46 -10.36
CA ASN B 152 7.66 10.84 -10.13
C ASN B 152 8.20 11.35 -8.80
N ALA B 153 9.25 12.16 -8.85
CA ALA B 153 9.82 12.78 -7.66
C ALA B 153 10.12 11.74 -6.58
N ILE B 154 10.78 10.65 -7.00
CA ILE B 154 11.14 9.60 -6.06
C ILE B 154 12.04 10.13 -4.96
N ASN B 155 12.77 11.21 -5.23
CA ASN B 155 13.61 11.83 -4.19
C ASN B 155 12.83 12.23 -2.95
N GLN B 156 11.50 12.38 -3.04
CA GLN B 156 10.77 12.78 -1.84
C GLN B 156 10.76 11.69 -0.77
N PHE B 157 11.15 10.45 -1.09
CA PHE B 157 11.27 9.42 -0.08
C PHE B 157 12.60 9.47 0.67
N SER B 158 13.53 10.34 0.27
CA SER B 158 14.92 10.17 0.63
C SER B 158 15.36 11.00 1.84
N GLY B 159 14.51 11.88 2.35
CA GLY B 159 14.88 12.67 3.50
C GLY B 159 13.78 13.62 3.91
N HIS B 160 14.14 14.51 4.83
CA HIS B 160 13.24 15.57 5.28
C HIS B 160 12.65 16.32 4.08
N PRO B 161 11.37 16.70 4.13
CA PRO B 161 10.41 16.58 5.23
C PRO B 161 9.55 15.30 5.24
N HIS B 162 9.91 14.27 4.47
CA HIS B 162 9.14 13.04 4.52
C HIS B 162 9.04 12.51 5.96
N PRO B 163 7.88 12.02 6.37
CA PRO B 163 7.73 11.56 7.77
C PRO B 163 8.46 10.28 8.10
N ASP B 164 8.89 9.50 7.10
CA ASP B 164 9.50 8.20 7.37
C ASP B 164 10.43 7.85 6.20
N PRO B 165 11.50 8.62 6.01
CA PRO B 165 12.28 8.48 4.78
C PRO B 165 13.19 7.26 4.79
N ASP B 166 13.53 6.84 3.57
CA ASP B 166 14.59 5.87 3.31
C ASP B 166 15.84 6.68 3.01
N ARG B 167 16.69 6.83 4.02
CA ARG B 167 17.82 7.75 3.90
C ARG B 167 18.91 7.16 3.00
N VAL B 168 19.55 8.03 2.23
N VAL B 168 19.54 8.05 2.23
CA VAL B 168 20.63 7.62 1.34
CA VAL B 168 20.58 7.72 1.26
C VAL B 168 21.63 8.77 1.25
C VAL B 168 21.65 8.79 1.33
N THR B 169 22.88 8.41 0.98
CA THR B 169 23.88 9.42 0.70
C THR B 169 23.74 9.86 -0.76
N PRO B 170 24.29 11.02 -1.11
CA PRO B 170 24.27 11.40 -2.54
C PRO B 170 24.94 10.38 -3.44
N GLU B 171 26.03 9.75 -3.00
CA GLU B 171 26.68 8.74 -3.83
C GLU B 171 25.77 7.54 -4.06
N GLN B 172 25.03 7.12 -3.03
CA GLN B 172 24.09 6.02 -3.20
C GLN B 172 22.93 6.40 -4.10
N ALA B 173 22.48 7.66 -4.01
CA ALA B 173 21.41 8.12 -4.89
C ALA B 173 21.85 8.08 -6.35
N GLY B 174 23.05 8.59 -6.64
CA GLY B 174 23.55 8.58 -8.00
C GLY B 174 23.74 7.16 -8.53
N ASP B 175 24.26 6.26 -7.70
CA ASP B 175 24.43 4.88 -8.11
C ASP B 175 23.09 4.22 -8.41
N TRP B 176 22.08 4.48 -7.58
CA TRP B 176 20.75 3.94 -7.79
C TRP B 176 20.15 4.44 -9.10
N LEU B 177 20.24 5.76 -9.33
CA LEU B 177 19.73 6.35 -10.57
C LEU B 177 20.35 5.68 -11.78
N ARG B 178 21.69 5.51 -11.77
CA ARG B 178 22.36 4.91 -12.92
C ARG B 178 21.89 3.49 -13.14
N ARG B 179 21.67 2.74 -12.05
CA ARG B 179 21.18 1.37 -12.19
C ARG B 179 19.76 1.36 -12.76
N MET B 180 18.90 2.25 -12.28
CA MET B 180 17.54 2.32 -12.81
C MET B 180 17.56 2.68 -14.29
N LEU B 181 18.37 3.68 -14.67
CA LEU B 181 18.37 4.12 -16.06
C LEU B 181 19.02 3.10 -16.99
N ASP B 182 20.04 2.37 -16.52
CA ASP B 182 20.58 1.28 -17.33
C ASP B 182 19.52 0.24 -17.61
N ALA B 183 18.66 -0.04 -16.63
CA ALA B 183 17.57 -1.00 -16.84
C ALA B 183 16.58 -0.49 -17.88
N CYS B 184 16.25 0.80 -17.82
CA CYS B 184 15.38 1.38 -18.85
C CYS B 184 16.01 1.24 -20.22
N GLU B 185 17.32 1.49 -20.31
CA GLU B 185 18.01 1.44 -21.59
C GLU B 185 18.08 0.00 -22.12
N ARG B 186 18.29 -0.99 -21.24
CA ARG B 186 18.25 -2.38 -21.70
C ARG B 186 16.87 -2.73 -22.24
N GLY B 187 15.81 -2.19 -21.62
CA GLY B 187 14.47 -2.51 -22.09
C GLY B 187 14.12 -1.83 -23.39
N ALA B 188 14.52 -0.58 -23.56
CA ALA B 188 14.20 0.20 -24.76
C ALA B 188 15.44 0.96 -25.20
N PRO B 189 16.35 0.31 -25.91
CA PRO B 189 17.59 0.99 -26.30
C PRO B 189 17.29 2.18 -27.19
N GLY B 190 18.00 3.27 -26.93
CA GLY B 190 17.94 4.42 -27.79
C GLY B 190 16.80 5.38 -27.51
N ARG B 191 15.92 5.07 -26.57
N ARG B 191 15.94 5.07 -26.55
CA ARG B 191 14.82 5.96 -26.26
CA ARG B 191 14.82 5.94 -26.22
C ARG B 191 15.27 7.01 -25.24
C ARG B 191 15.24 6.95 -25.15
N LEU B 192 14.31 7.84 -24.79
CA LEU B 192 14.61 9.01 -23.95
C LEU B 192 14.36 8.63 -22.49
N HIS B 193 15.42 8.24 -21.78
CA HIS B 193 15.29 7.79 -20.41
C HIS B 193 15.93 8.81 -19.47
N LEU B 194 15.18 9.21 -18.45
CA LEU B 194 15.58 10.27 -17.55
C LEU B 194 15.05 9.97 -16.16
N HIS B 195 15.39 10.84 -15.21
CA HIS B 195 14.78 10.82 -13.89
C HIS B 195 14.32 12.24 -13.60
N ALA B 196 13.39 12.37 -12.65
CA ALA B 196 12.68 13.63 -12.44
C ALA B 196 12.49 13.84 -10.95
N GLU B 197 13.22 14.80 -10.39
CA GLU B 197 13.20 15.03 -8.95
C GLU B 197 12.52 16.35 -8.62
N TYR B 198 11.79 16.39 -7.52
CA TYR B 198 11.13 17.63 -7.12
C TYR B 198 12.14 18.62 -6.56
N ASP B 199 11.69 19.88 -6.36
CA ASP B 199 12.63 20.98 -6.27
C ASP B 199 13.52 20.96 -5.03
N ALA B 200 13.33 20.01 -4.10
CA ALA B 200 14.34 19.80 -3.06
C ALA B 200 15.71 19.54 -3.65
N ALA B 201 15.76 18.95 -4.86
CA ALA B 201 17.05 18.70 -5.49
C ALA B 201 17.80 19.99 -5.78
N TRP B 202 17.10 21.11 -5.96
CA TRP B 202 17.73 22.40 -6.19
C TRP B 202 17.75 23.30 -4.98
N TYR B 203 16.86 23.08 -4.00
CA TYR B 203 16.56 24.08 -2.99
C TYR B 203 16.93 23.68 -1.56
N LEU B 204 17.08 22.38 -1.26
CA LEU B 204 17.20 21.88 0.10
C LEU B 204 18.65 21.48 0.38
N ASP B 205 19.29 22.20 1.30
CA ASP B 205 20.63 21.78 1.73
C ASP B 205 20.55 20.37 2.31
N ASP B 206 21.59 19.57 2.03
CA ASP B 206 21.74 18.21 2.54
C ASP B 206 20.75 17.21 1.95
N HIS B 207 19.91 17.61 1.00
CA HIS B 207 19.05 16.66 0.32
C HIS B 207 19.90 15.72 -0.55
N PRO B 208 19.65 14.41 -0.51
CA PRO B 208 20.59 13.46 -1.13
C PRO B 208 20.62 13.53 -2.65
N PHE B 209 19.52 13.94 -3.27
CA PHE B 209 19.46 14.07 -4.72
C PHE B 209 19.90 15.48 -5.06
N THR B 210 20.90 15.60 -5.92
CA THR B 210 21.59 16.87 -6.11
C THR B 210 21.28 17.49 -7.46
N PRO B 211 21.60 18.78 -7.64
CA PRO B 211 21.51 19.37 -8.98
C PRO B 211 22.37 18.63 -9.99
N ALA B 212 23.54 18.18 -9.58
CA ALA B 212 24.40 17.43 -10.50
C ALA B 212 23.73 16.14 -10.97
N HIS B 213 23.02 15.43 -10.07
CA HIS B 213 22.32 14.21 -10.49
C HIS B 213 21.29 14.53 -11.58
N SER B 214 20.52 15.61 -11.39
CA SER B 214 19.46 15.93 -12.33
C SER B 214 20.01 16.35 -13.70
N ALA B 215 21.13 17.06 -13.70
CA ALA B 215 21.68 17.62 -14.93
C ALA B 215 22.75 16.74 -15.56
N ARG B 216 23.22 15.69 -14.88
CA ARG B 216 24.29 14.87 -15.42
C ARG B 216 23.97 13.38 -15.49
N ILE B 217 22.81 12.94 -15.00
CA ILE B 217 22.36 11.56 -15.12
C ILE B 217 21.04 11.57 -15.88
N GLY B 218 20.89 10.63 -16.83
CA GLY B 218 19.71 10.61 -17.67
C GLY B 218 19.83 11.58 -18.85
N ALA B 219 18.89 11.45 -19.79
CA ALA B 219 19.04 12.04 -21.12
C ALA B 219 18.82 13.56 -21.14
N VAL B 220 17.89 14.05 -20.34
CA VAL B 220 17.57 15.48 -20.29
C VAL B 220 17.32 15.81 -18.83
N THR B 221 17.40 17.10 -18.49
CA THR B 221 17.09 17.54 -17.12
C THR B 221 15.60 17.79 -17.01
N ALA B 222 14.96 17.19 -16.00
CA ALA B 222 13.55 17.42 -15.76
C ALA B 222 13.39 18.35 -14.56
N VAL B 223 12.58 19.38 -14.72
CA VAL B 223 12.24 20.26 -13.60
C VAL B 223 10.73 20.30 -13.46
N HIS B 224 10.27 20.41 -12.21
CA HIS B 224 8.86 20.49 -11.85
C HIS B 224 8.65 21.80 -11.09
N SER B 225 7.87 22.72 -11.68
CA SER B 225 7.76 24.09 -11.16
C SER B 225 6.44 24.29 -10.41
N TRP B 226 6.52 24.53 -9.11
CA TRP B 226 5.34 24.61 -8.26
C TRP B 226 5.48 25.79 -7.31
N VAL B 227 4.71 26.87 -7.57
CA VAL B 227 4.88 28.12 -6.85
C VAL B 227 4.27 28.11 -5.46
N PHE B 228 3.69 27.00 -5.01
CA PHE B 228 3.33 26.88 -3.59
C PHE B 228 4.52 26.52 -2.73
N ASN B 229 5.71 26.48 -3.31
CA ASN B 229 6.95 26.12 -2.62
C ASN B 229 7.55 27.26 -1.81
N GLY B 230 6.79 28.33 -1.56
CA GLY B 230 7.28 29.52 -0.91
C GLY B 230 7.35 30.72 -1.83
N THR B 231 7.30 30.50 -3.15
CA THR B 231 7.42 31.60 -4.10
C THR B 231 6.22 32.52 -4.01
N ALA B 232 5.02 31.96 -4.18
CA ALA B 232 3.81 32.79 -4.08
C ALA B 232 3.65 33.39 -2.70
N GLN B 233 3.96 32.63 -1.65
CA GLN B 233 3.76 33.12 -0.29
C GLN B 233 4.64 34.32 0.00
N ARG B 234 5.87 34.31 -0.51
CA ARG B 234 6.83 35.37 -0.18
C ARG B 234 6.69 36.58 -1.09
N TYR B 235 6.53 36.35 -2.39
CA TYR B 235 6.54 37.43 -3.38
C TYR B 235 5.16 37.82 -3.87
N GLY B 236 4.17 36.96 -3.73
CA GLY B 236 2.80 37.27 -4.06
C GLY B 236 2.35 36.56 -5.32
N THR B 237 1.04 36.30 -5.41
CA THR B 237 0.46 35.62 -6.57
C THR B 237 0.83 36.31 -7.88
N ARG B 238 0.73 37.63 -7.94
CA ARG B 238 0.86 38.36 -9.19
C ARG B 238 2.25 38.94 -9.39
N SER B 239 3.25 38.39 -8.70
CA SER B 239 4.61 38.91 -8.76
C SER B 239 5.35 38.38 -9.98
N THR B 240 6.44 39.08 -10.30
CA THR B 240 7.35 38.60 -11.34
C THR B 240 7.92 37.23 -10.98
N ALA B 241 8.28 37.04 -9.70
CA ALA B 241 8.87 35.77 -9.28
C ALA B 241 7.91 34.61 -9.48
N THR B 242 6.62 34.82 -9.22
CA THR B 242 5.67 33.73 -9.39
C THR B 242 5.50 33.39 -10.87
N ALA B 243 5.48 34.40 -11.74
CA ALA B 243 5.30 34.16 -13.17
C ALA B 243 6.55 33.56 -13.82
N GLN B 244 7.72 33.85 -13.27
CA GLN B 244 8.98 33.45 -13.88
C GLN B 244 9.57 32.22 -13.21
N HIS B 245 8.88 31.62 -12.25
CA HIS B 245 9.50 30.55 -11.48
C HIS B 245 9.89 29.38 -12.36
N ALA B 246 9.05 29.02 -13.33
CA ALA B 246 9.38 27.87 -14.18
C ALA B 246 10.56 28.17 -15.10
N ALA B 247 10.61 29.38 -15.68
CA ALA B 247 11.77 29.78 -16.47
C ALA B 247 13.03 29.81 -15.62
N TYR B 248 12.90 30.22 -14.35
CA TYR B 248 14.04 30.18 -13.45
C TYR B 248 14.59 28.77 -13.29
N LEU B 249 13.72 27.80 -13.02
CA LEU B 249 14.22 26.44 -12.84
C LEU B 249 14.90 25.94 -14.11
N VAL B 250 14.36 26.31 -15.27
CA VAL B 250 14.95 25.91 -16.54
C VAL B 250 16.37 26.44 -16.65
N GLU B 251 16.55 27.74 -16.41
CA GLU B 251 17.87 28.33 -16.57
C GLU B 251 18.81 27.93 -15.44
N LEU B 252 18.27 27.71 -14.23
CA LEU B 252 19.10 27.27 -13.12
C LEU B 252 19.67 25.88 -13.39
N ALA B 253 18.84 24.97 -13.91
CA ALA B 253 19.25 23.59 -14.12
C ALA B 253 20.41 23.50 -15.11
N LYS B 254 20.50 24.47 -16.03
CA LYS B 254 21.57 24.49 -17.00
C LYS B 254 22.95 24.67 -16.38
N ALA B 255 23.05 25.27 -15.19
CA ALA B 255 24.37 25.54 -14.63
C ALA B 255 25.18 24.27 -14.43
N TRP B 256 24.52 23.15 -14.14
CA TRP B 256 25.18 21.90 -13.79
C TRP B 256 25.37 20.95 -14.96
N ALA B 257 24.89 21.31 -16.16
CA ALA B 257 25.02 20.43 -17.31
C ALA B 257 26.46 20.39 -17.81
N ARG B 258 26.91 19.20 -18.21
CA ARG B 258 28.20 19.08 -18.89
C ARG B 258 28.08 19.43 -20.37
N GLU B 259 26.92 19.12 -21.00
CA GLU B 259 26.73 19.50 -22.40
C GLU B 259 26.13 20.90 -22.49
N PRO B 260 26.66 21.77 -23.34
CA PRO B 260 26.17 23.16 -23.37
C PRO B 260 24.77 23.31 -23.95
N ARG B 261 24.23 22.31 -24.64
CA ARG B 261 22.89 22.40 -25.20
C ARG B 261 21.99 21.27 -24.69
N ARG B 262 22.29 20.72 -23.52
CA ARG B 262 21.44 19.68 -22.95
C ARG B 262 20.02 20.22 -22.76
N PRO B 263 19.00 19.57 -23.30
CA PRO B 263 17.64 20.09 -23.14
C PRO B 263 17.18 20.01 -21.70
N VAL B 264 16.35 20.99 -21.32
CA VAL B 264 15.67 21.02 -20.02
C VAL B 264 14.18 20.84 -20.26
N TRP B 265 13.59 19.81 -19.64
CA TRP B 265 12.18 19.50 -19.81
C TRP B 265 11.41 20.05 -18.61
N LEU B 266 10.57 21.06 -18.85
CA LEU B 266 9.63 21.50 -17.81
C LEU B 266 8.52 20.48 -17.77
N GLN B 267 8.73 19.42 -17.00
CA GLN B 267 7.88 18.24 -17.02
C GLN B 267 6.66 18.36 -16.14
N GLU B 268 6.65 19.33 -15.22
CA GLU B 268 5.44 19.71 -14.49
C GLU B 268 5.42 21.22 -14.32
N VAL B 269 4.26 21.80 -14.57
CA VAL B 269 3.97 23.18 -14.22
C VAL B 269 2.47 23.27 -14.08
N GLY B 270 1.98 23.90 -13.02
CA GLY B 270 0.55 23.99 -12.80
C GLY B 270 0.19 25.24 -12.03
N ALA B 271 -1.12 25.42 -11.83
CA ALA B 271 -1.69 26.64 -11.27
C ALA B 271 -2.46 26.28 -10.01
N PRO B 272 -1.76 26.18 -8.85
CA PRO B 272 -2.42 25.67 -7.62
C PRO B 272 -3.10 26.76 -6.79
N ALA B 273 -4.41 26.63 -6.55
CA ALA B 273 -5.10 27.57 -5.69
C ALA B 273 -4.80 27.27 -4.22
N PRO B 274 -4.75 28.29 -3.36
CA PRO B 274 -5.02 29.71 -3.63
C PRO B 274 -3.79 30.52 -4.02
N HIS B 275 -2.62 29.86 -4.06
CA HIS B 275 -1.40 30.54 -4.44
C HIS B 275 -1.53 31.14 -5.83
N VAL B 276 -2.22 30.45 -6.72
CA VAL B 276 -2.78 31.00 -7.95
C VAL B 276 -4.28 30.81 -7.90
N PRO B 277 -5.05 31.86 -7.61
CA PRO B 277 -6.52 31.73 -7.57
C PRO B 277 -7.04 31.23 -8.91
N ALA B 278 -8.15 30.51 -8.86
CA ALA B 278 -8.73 29.96 -10.09
C ALA B 278 -9.03 31.07 -11.10
N GLU B 279 -9.46 32.25 -10.63
CA GLU B 279 -9.76 33.35 -11.55
C GLU B 279 -8.51 33.94 -12.20
N TYR B 280 -7.33 33.64 -11.68
CA TYR B 280 -6.06 34.10 -12.25
C TYR B 280 -5.32 32.99 -12.99
N ALA B 281 -5.85 31.77 -12.99
CA ALA B 281 -5.10 30.64 -13.52
C ALA B 281 -4.80 30.82 -15.00
N ALA B 282 -5.75 31.37 -15.78
CA ALA B 282 -5.50 31.54 -17.21
C ALA B 282 -4.39 32.55 -17.46
N GLU B 283 -4.46 33.72 -16.80
CA GLU B 283 -3.41 34.72 -16.93
C GLU B 283 -2.07 34.16 -16.48
N PHE B 284 -2.07 33.38 -15.39
CA PHE B 284 -0.83 32.85 -14.88
C PHE B 284 -0.21 31.85 -15.84
N ALA B 285 -1.05 31.01 -16.46
CA ALA B 285 -0.55 30.01 -17.38
C ALA B 285 0.09 30.68 -18.59
N THR B 286 -0.58 31.70 -19.15
CA THR B 286 -0.04 32.45 -20.28
C THR B 286 1.30 33.08 -19.92
N ALA B 287 1.36 33.76 -18.76
CA ALA B 287 2.59 34.42 -18.36
C ALA B 287 3.71 33.42 -18.17
N THR B 288 3.39 32.29 -17.53
CA THR B 288 4.38 31.27 -17.22
C THR B 288 4.95 30.65 -18.49
N ILE B 289 4.08 30.28 -19.42
CA ILE B 289 4.52 29.66 -20.67
C ILE B 289 5.31 30.68 -21.52
N ASP B 290 4.82 31.93 -21.62
CA ASP B 290 5.60 32.93 -22.34
C ASP B 290 7.00 33.06 -21.75
N ALA B 291 7.10 33.05 -20.42
CA ALA B 291 8.42 33.17 -19.79
C ALA B 291 9.29 31.96 -20.09
N VAL B 292 8.71 30.77 -20.07
CA VAL B 292 9.50 29.57 -20.32
C VAL B 292 9.92 29.49 -21.79
N LEU B 293 9.01 29.84 -22.70
CA LEU B 293 9.35 29.76 -24.11
C LEU B 293 10.34 30.86 -24.55
N ASP B 294 10.64 31.82 -23.67
CA ASP B 294 11.76 32.74 -23.89
C ASP B 294 13.10 32.15 -23.43
N CYS B 295 13.13 30.88 -23.06
CA CYS B 295 14.33 30.15 -22.68
C CYS B 295 14.70 29.18 -23.78
N PRO B 296 15.95 29.18 -24.26
CA PRO B 296 16.33 28.23 -25.31
C PRO B 296 16.50 26.83 -24.74
N GLU B 297 16.51 25.86 -25.66
CA GLU B 297 16.78 24.45 -25.32
C GLU B 297 15.78 23.90 -24.31
N VAL B 298 14.53 24.38 -24.36
CA VAL B 298 13.47 23.78 -23.58
C VAL B 298 12.96 22.58 -24.37
N TRP B 299 13.09 21.39 -23.79
CA TRP B 299 12.61 20.19 -24.48
C TRP B 299 11.10 20.26 -24.69
N GLY B 300 10.37 20.68 -23.67
CA GLY B 300 8.93 20.75 -23.77
C GLY B 300 8.35 21.32 -22.49
N VAL B 301 7.05 21.60 -22.56
CA VAL B 301 6.25 22.09 -21.44
C VAL B 301 5.12 21.10 -21.23
N THR B 302 5.03 20.55 -20.02
CA THR B 302 4.05 19.51 -19.74
C THR B 302 3.22 19.97 -18.55
N TRP B 303 1.97 20.38 -18.81
CA TRP B 303 1.13 20.96 -17.78
C TRP B 303 0.60 19.89 -16.84
N TRP B 304 0.59 20.21 -15.54
CA TRP B 304 -0.08 19.38 -14.54
C TRP B 304 -1.38 20.09 -14.19
N CYS B 305 -2.52 19.50 -14.58
CA CYS B 305 -2.63 18.18 -15.19
C CYS B 305 -3.75 18.24 -16.23
N SER B 306 -4.04 17.10 -16.86
CA SER B 306 -5.04 17.10 -17.92
C SER B 306 -6.44 17.34 -17.35
N HIS B 307 -6.80 16.62 -16.29
CA HIS B 307 -8.17 16.60 -15.80
C HIS B 307 -8.22 16.84 -14.30
N ASP B 308 -9.23 17.59 -13.88
CA ASP B 308 -9.53 17.74 -12.47
C ASP B 308 -9.71 16.39 -11.80
N VAL B 309 -9.42 16.34 -10.50
CA VAL B 309 -9.63 15.14 -9.68
C VAL B 309 -11.06 15.15 -9.17
N ASP B 310 -11.71 13.98 -9.20
CA ASP B 310 -13.07 13.87 -8.71
C ASP B 310 -13.13 14.17 -7.22
N ARG B 311 -13.94 15.17 -6.83
CA ARG B 311 -14.02 15.52 -5.42
C ARG B 311 -14.77 14.49 -4.59
N ARG B 312 -15.36 13.47 -5.23
CA ARG B 312 -15.82 12.30 -4.50
C ARG B 312 -14.68 11.45 -3.96
N LEU B 313 -13.44 11.76 -4.30
CA LEU B 313 -12.27 11.10 -3.73
C LEU B 313 -11.78 11.95 -2.57
N ALA B 314 -11.55 11.33 -1.41
CA ALA B 314 -11.29 12.10 -0.21
C ALA B 314 -9.79 12.29 0.03
N ASP B 315 -9.49 13.27 0.87
CA ASP B 315 -8.23 13.47 1.59
C ASP B 315 -7.13 14.10 0.76
N PHE B 316 -7.35 14.44 -0.52
CA PHE B 316 -6.38 15.24 -1.24
C PHE B 316 -6.28 16.61 -0.60
N PRO B 317 -5.07 17.16 -0.47
CA PRO B 317 -4.96 18.61 -0.31
C PRO B 317 -5.87 19.32 -1.31
N GLU B 318 -6.60 20.34 -0.85
N GLU B 318 -6.59 20.33 -0.81
CA GLU B 318 -7.64 20.93 -1.69
CA GLU B 318 -7.59 21.05 -1.60
C GLU B 318 -7.09 21.44 -3.01
C GLU B 318 -7.08 21.43 -2.98
N LEU B 319 -5.84 21.90 -3.06
CA LEU B 319 -5.30 22.40 -4.32
C LEU B 319 -5.32 21.34 -5.44
N GLU B 320 -5.18 20.05 -5.09
CA GLU B 320 -5.00 19.04 -6.13
C GLU B 320 -6.23 18.89 -7.03
N TYR B 321 -7.42 19.14 -6.49
CA TYR B 321 -8.63 18.78 -7.23
C TYR B 321 -8.81 19.60 -8.49
N SER B 322 -8.40 20.87 -8.48
N SER B 322 -8.41 20.87 -8.49
CA SER B 322 -8.67 21.79 -9.57
CA SER B 322 -8.69 21.75 -9.61
C SER B 322 -7.44 22.13 -10.41
C SER B 322 -7.44 22.12 -10.40
N LEU B 323 -6.46 21.22 -10.46
CA LEU B 323 -5.26 21.42 -11.27
C LEU B 323 -5.48 21.11 -12.76
N GLY B 324 -6.64 20.62 -13.15
CA GLY B 324 -6.83 20.22 -14.54
C GLY B 324 -6.97 21.40 -15.47
N LEU B 325 -6.59 21.17 -16.73
CA LEU B 325 -6.98 22.05 -17.83
C LEU B 325 -8.38 21.75 -18.29
N LEU B 326 -8.89 20.56 -17.97
CA LEU B 326 -10.22 20.10 -18.31
C LEU B 326 -10.95 19.69 -17.04
N THR B 327 -12.27 19.85 -17.04
CA THR B 327 -13.08 19.42 -15.90
C THR B 327 -13.21 17.90 -15.88
N GLN B 328 -13.88 17.42 -14.83
CA GLN B 328 -14.19 15.99 -14.70
C GLN B 328 -15.02 15.48 -15.87
N ASP B 329 -15.95 16.30 -16.37
CA ASP B 329 -16.73 15.91 -17.53
C ASP B 329 -16.10 16.36 -18.84
N ARG B 330 -14.78 16.65 -18.83
CA ARG B 330 -13.98 16.88 -20.04
C ARG B 330 -14.33 18.19 -20.73
N ARG B 331 -14.69 19.22 -19.98
CA ARG B 331 -14.92 20.53 -20.55
C ARG B 331 -13.70 21.41 -20.35
N VAL B 332 -13.40 22.24 -21.35
CA VAL B 332 -12.20 23.07 -21.30
C VAL B 332 -12.40 24.18 -20.28
N LYS B 333 -11.46 24.29 -19.36
CA LYS B 333 -11.42 25.31 -18.32
C LYS B 333 -10.68 26.53 -18.83
N PRO B 334 -10.83 27.69 -18.18
CA PRO B 334 -10.12 28.88 -18.62
C PRO B 334 -8.62 28.66 -18.83
N ALA B 335 -7.94 27.95 -17.94
CA ALA B 335 -6.51 27.74 -18.15
C ALA B 335 -6.25 26.79 -19.31
N GLY B 336 -7.16 25.84 -19.55
CA GLY B 336 -7.03 24.99 -20.72
C GLY B 336 -7.12 25.78 -22.01
N ARG B 337 -8.03 26.75 -22.07
CA ARG B 337 -8.09 27.63 -23.24
C ARG B 337 -6.80 28.43 -23.38
N ALA B 338 -6.25 28.90 -22.25
CA ALA B 338 -5.05 29.74 -22.30
C ALA B 338 -3.84 28.94 -22.78
N VAL B 339 -3.66 27.73 -22.25
CA VAL B 339 -2.53 26.92 -22.69
C VAL B 339 -2.67 26.58 -24.17
N ALA B 340 -3.88 26.21 -24.59
CA ALA B 340 -4.12 25.88 -26.00
C ALA B 340 -3.78 27.04 -26.91
N GLU B 341 -4.16 28.26 -26.50
CA GLU B 341 -3.84 29.43 -27.32
C GLU B 341 -2.35 29.69 -27.34
N ALA B 342 -1.66 29.47 -26.21
CA ALA B 342 -0.20 29.60 -26.21
C ALA B 342 0.43 28.57 -27.14
N VAL B 343 -0.06 27.32 -27.13
CA VAL B 343 0.47 26.31 -28.03
C VAL B 343 0.19 26.69 -29.47
N ARG B 344 -1.06 27.09 -29.76
CA ARG B 344 -1.42 27.48 -31.12
C ARG B 344 -0.56 28.64 -31.60
N ARG B 345 -0.35 29.63 -30.73
CA ARG B 345 0.47 30.79 -31.08
C ARG B 345 1.89 30.36 -31.42
N TRP B 346 2.48 29.51 -30.58
CA TRP B 346 3.83 29.04 -30.88
C TRP B 346 3.88 28.25 -32.18
N ARG B 347 2.94 27.32 -32.38
CA ARG B 347 2.94 26.52 -33.60
C ARG B 347 2.70 27.38 -34.84
N THR B 348 1.97 28.49 -34.71
CA THR B 348 1.69 29.33 -35.86
C THR B 348 2.88 30.24 -36.19
N GLU B 349 3.51 30.83 -35.18
CA GLU B 349 4.55 31.81 -35.42
C GLU B 349 5.95 31.23 -35.37
N THR B 350 6.13 30.03 -34.81
CA THR B 350 7.40 29.36 -34.55
C THR B 350 8.54 30.34 -34.31
N PRO B 351 8.48 31.15 -33.24
CA PRO B 351 9.53 32.14 -33.02
C PRO B 351 10.89 31.49 -32.84
N ALA B 352 11.93 32.17 -33.34
CA ALA B 352 13.28 31.64 -33.20
C ALA B 352 13.71 31.70 -31.74
N PRO B 353 14.47 30.73 -31.26
CA PRO B 353 15.03 30.85 -29.91
C PRO B 353 15.98 32.03 -29.84
N ARG B 354 16.05 32.63 -28.65
CA ARG B 354 16.94 33.77 -28.43
C ARG B 354 17.93 33.39 -27.35
N PRO B 355 19.23 33.35 -27.67
CA PRO B 355 20.23 32.97 -26.68
C PRO B 355 20.26 33.95 -25.51
N ARG B 356 20.79 33.47 -24.39
CA ARG B 356 20.93 34.26 -23.18
C ARG B 356 22.42 34.44 -22.89
N THR B 357 22.93 35.63 -23.17
CA THR B 357 24.36 35.88 -23.08
C THR B 357 24.81 36.40 -21.73
N THR B 358 23.88 36.74 -20.83
CA THR B 358 24.19 37.21 -19.49
C THR B 358 23.91 36.10 -18.47
N ALA B 359 24.91 35.76 -17.67
CA ALA B 359 24.81 34.64 -16.73
C ALA B 359 24.99 35.11 -15.30
N LEU B 360 24.12 34.66 -14.41
CA LEU B 360 24.22 34.92 -12.99
C LEU B 360 25.04 33.81 -12.33
N VAL B 361 26.00 34.20 -11.48
CA VAL B 361 26.85 33.21 -10.84
C VAL B 361 26.08 32.48 -9.74
N VAL B 362 26.13 31.15 -9.78
CA VAL B 362 25.48 30.31 -8.78
C VAL B 362 26.57 29.61 -7.97
N ASP B 363 26.65 29.94 -6.68
CA ASP B 363 27.62 29.37 -5.76
C ASP B 363 26.84 28.61 -4.70
N VAL B 364 26.86 27.28 -4.79
CA VAL B 364 26.16 26.43 -3.84
C VAL B 364 27.13 25.66 -2.96
N GLY B 365 28.37 26.13 -2.86
CA GLY B 365 29.36 25.50 -2.01
C GLY B 365 30.26 24.54 -2.76
N PRO B 366 31.25 23.98 -2.06
CA PRO B 366 32.24 23.14 -2.71
C PRO B 366 31.72 21.73 -2.95
N GLY B 367 32.46 21.01 -3.81
CA GLY B 367 32.11 19.64 -4.13
C GLY B 367 30.96 19.55 -5.12
N ASP B 368 30.43 18.33 -5.24
CA ASP B 368 29.34 18.07 -6.17
C ASP B 368 28.02 17.81 -5.46
N GLN B 369 27.96 17.96 -4.15
CA GLN B 369 26.77 17.67 -3.37
C GLN B 369 25.98 18.92 -2.98
N ALA B 370 26.37 20.09 -3.47
CA ALA B 370 25.63 21.34 -3.31
C ALA B 370 25.16 21.59 -1.87
N PRO B 371 26.09 21.69 -0.91
CA PRO B 371 25.67 21.86 0.50
C PRO B 371 25.05 23.22 0.81
N ALA B 372 25.13 24.21 -0.09
CA ALA B 372 24.55 25.52 0.18
C ALA B 372 23.57 25.92 -0.91
N ARG B 373 22.86 24.95 -1.48
CA ARG B 373 21.98 25.23 -2.60
C ARG B 373 20.76 26.05 -2.20
N SER B 374 20.50 26.22 -0.90
CA SER B 374 19.33 26.99 -0.48
C SER B 374 19.40 28.46 -0.91
N VAL B 375 20.57 28.94 -1.35
CA VAL B 375 20.63 30.28 -1.94
C VAL B 375 19.81 30.35 -3.21
N CYS B 376 19.48 29.19 -3.80
CA CYS B 376 18.67 29.11 -5.00
C CYS B 376 17.19 29.07 -4.69
N ALA B 377 16.80 28.83 -3.44
CA ALA B 377 15.42 28.69 -3.04
C ALA B 377 14.75 30.06 -2.93
N PRO B 378 13.42 30.10 -2.91
CA PRO B 378 12.74 31.37 -2.62
C PRO B 378 13.30 32.04 -1.37
N GLY B 379 13.56 33.34 -1.47
CA GLY B 379 14.23 34.06 -0.41
C GLY B 379 15.75 34.05 -0.48
N GLY B 380 16.34 33.17 -1.31
CA GLY B 380 17.77 33.06 -1.40
C GLY B 380 18.40 34.10 -2.32
N ALA B 381 19.70 34.30 -2.15
CA ALA B 381 20.38 35.38 -2.85
C ALA B 381 20.43 35.14 -4.36
N VAL B 382 20.60 33.89 -4.78
CA VAL B 382 20.61 33.58 -6.21
C VAL B 382 19.21 33.76 -6.80
N PHE B 383 18.20 33.23 -6.11
CA PHE B 383 16.80 33.36 -6.52
C PHE B 383 16.43 34.82 -6.76
N GLU B 384 16.68 35.68 -5.77
CA GLU B 384 16.25 37.07 -5.87
C GLU B 384 17.07 37.83 -6.90
N ALA B 385 18.37 37.55 -7.01
CA ALA B 385 19.15 38.20 -8.06
C ALA B 385 18.68 37.79 -9.44
N PHE B 386 18.29 36.53 -9.62
CA PHE B 386 17.79 36.09 -10.92
C PHE B 386 16.50 36.81 -11.27
N MET B 387 15.61 36.96 -10.30
CA MET B 387 14.34 37.63 -10.56
C MET B 387 14.53 39.12 -10.83
N ARG B 388 15.52 39.74 -10.19
CA ARG B 388 15.75 41.16 -10.47
C ARG B 388 16.34 41.35 -11.87
N LEU B 389 17.30 40.51 -12.26
CA LEU B 389 17.80 40.56 -13.63
C LEU B 389 16.67 40.32 -14.62
N THR B 390 15.78 39.38 -14.29
CA THR B 390 14.66 39.07 -15.17
C THR B 390 13.73 40.27 -15.30
N ALA B 391 13.38 40.90 -14.18
CA ALA B 391 12.53 42.08 -14.23
C ALA B 391 13.18 43.20 -15.05
N GLN B 392 14.50 43.35 -14.92
CA GLN B 392 15.22 44.35 -15.69
C GLN B 392 15.29 44.04 -17.18
N GLY B 393 14.87 42.85 -17.61
CA GLY B 393 14.92 42.49 -19.02
C GLY B 393 16.24 41.92 -19.49
N ALA B 394 17.13 41.55 -18.58
CA ALA B 394 18.44 41.00 -18.93
C ALA B 394 18.37 39.56 -19.42
N ARG B 395 17.23 38.89 -19.31
CA ARG B 395 17.07 37.51 -19.76
C ARG B 395 18.22 36.62 -19.28
N PRO B 396 18.41 36.50 -17.96
CA PRO B 396 19.60 35.81 -17.45
C PRO B 396 19.53 34.30 -17.65
N THR B 397 20.71 33.71 -17.88
CA THR B 397 20.94 32.30 -17.61
C THR B 397 21.73 32.21 -16.32
N THR B 398 22.25 31.01 -16.00
CA THR B 398 23.07 30.81 -14.81
C THR B 398 24.37 30.11 -15.19
N VAL B 399 25.38 30.29 -14.33
CA VAL B 399 26.67 29.63 -14.51
C VAL B 399 27.22 29.31 -13.12
N LEU B 400 27.82 28.13 -12.99
CA LEU B 400 28.41 27.74 -11.71
C LEU B 400 29.65 28.57 -11.39
N ALA B 401 29.84 28.82 -10.09
CA ALA B 401 31.02 29.56 -9.63
C ALA B 401 32.31 28.97 -10.22
N GLU B 402 32.40 27.64 -10.27
CA GLU B 402 33.61 26.98 -10.78
C GLU B 402 33.84 27.24 -12.26
N HIS B 403 32.82 27.73 -12.98
CA HIS B 403 32.92 28.01 -14.41
C HIS B 403 32.83 29.50 -14.72
N ALA B 404 32.74 30.35 -13.69
CA ALA B 404 32.49 31.78 -13.92
C ALA B 404 33.61 32.45 -14.72
N THR B 405 34.82 31.90 -14.71
CA THR B 405 35.95 32.44 -15.47
C THR B 405 36.49 31.44 -16.49
N ASP B 406 35.71 30.42 -16.84
CA ASP B 406 36.11 29.39 -17.79
C ASP B 406 35.73 29.86 -19.19
N ALA B 407 36.69 30.43 -19.92
CA ALA B 407 36.39 31.01 -21.23
C ALA B 407 35.83 29.97 -22.20
N ASP B 408 36.30 28.73 -22.11
CA ASP B 408 35.79 27.68 -22.99
C ASP B 408 34.34 27.34 -22.65
N HIS B 409 34.03 27.22 -21.35
CA HIS B 409 32.66 26.95 -20.94
C HIS B 409 31.72 28.05 -21.40
N LEU B 410 32.15 29.31 -21.26
CA LEU B 410 31.27 30.42 -21.59
C LEU B 410 31.09 30.56 -23.10
N ALA B 411 32.17 30.41 -23.87
CA ALA B 411 32.04 30.50 -25.32
C ALA B 411 31.14 29.41 -25.88
N ALA B 412 31.23 28.20 -25.31
CA ALA B 412 30.36 27.10 -25.72
C ALA B 412 28.88 27.41 -25.46
N ARG B 413 28.57 28.28 -24.51
CA ARG B 413 27.20 28.68 -24.26
C ARG B 413 26.90 30.09 -24.76
N GLY B 414 27.85 30.74 -25.43
CA GLY B 414 27.61 32.10 -25.89
C GLY B 414 27.41 33.11 -24.79
N ILE B 415 28.04 32.91 -23.64
CA ILE B 415 27.90 33.82 -22.51
C ILE B 415 29.02 34.84 -22.56
N THR B 416 28.65 36.13 -22.62
CA THR B 416 29.63 37.21 -22.66
C THR B 416 29.66 38.05 -21.41
N GLU B 417 28.71 37.87 -20.49
CA GLU B 417 28.61 38.71 -19.32
C GLU B 417 28.30 37.84 -18.11
N VAL B 418 29.06 38.03 -17.05
CA VAL B 418 28.96 37.20 -15.86
C VAL B 418 28.83 38.13 -14.67
N VAL B 419 27.78 37.95 -13.88
CA VAL B 419 27.49 38.84 -12.76
C VAL B 419 27.14 38.00 -11.54
N THR B 420 27.54 38.46 -10.35
CA THR B 420 27.26 37.78 -9.11
C THR B 420 25.99 38.32 -8.47
N PRO B 421 25.38 37.56 -7.56
CA PRO B 421 24.25 38.12 -6.80
C PRO B 421 24.54 39.46 -6.14
N HIS B 422 25.74 39.66 -5.57
CA HIS B 422 26.03 40.96 -4.99
C HIS B 422 26.21 42.01 -6.08
N ASP B 423 26.75 41.64 -7.24
CA ASP B 423 26.77 42.58 -8.36
C ASP B 423 25.38 43.13 -8.61
N VAL B 424 24.39 42.24 -8.69
CA VAL B 424 23.00 42.64 -8.90
C VAL B 424 22.49 43.46 -7.72
N HIS B 425 22.91 43.11 -6.50
CA HIS B 425 22.59 43.88 -5.30
C HIS B 425 22.81 45.37 -5.53
N LEU B 426 23.93 45.74 -6.14
CA LEU B 426 24.15 47.10 -6.59
C LEU B 426 23.25 47.41 -7.77
C1 NAG C . 2.31 -14.07 13.38
C2 NAG C . 2.41 -13.82 11.86
C3 NAG C . 1.02 -13.81 11.23
C4 NAG C . 0.20 -15.03 11.65
C5 NAG C . 0.20 -15.12 13.18
C6 NAG C . -0.54 -16.30 13.75
C7 NAG C . 4.05 -12.39 10.69
C8 NAG C . 4.65 -11.02 10.61
N2 NAG C . 3.11 -12.57 11.62
O1 NAG C . 3.58 -14.16 13.94
O3 NAG C . 1.11 -13.72 9.81
O4 NAG C . -1.12 -14.92 11.11
O5 NAG C . 1.55 -15.24 13.63
O6 NAG C . -0.55 -16.26 15.18
O7 NAG C . 4.42 -13.30 9.95
C1 BMA C . -1.83 -16.16 10.77
C2 BMA C . -2.70 -15.95 9.50
C3 BMA C . -1.78 -15.60 8.33
C4 BMA C . -0.50 -16.52 8.31
C5 BMA C . -0.65 -17.72 9.25
C6 BMA C . 0.60 -18.59 9.34
O2 BMA C . -3.62 -14.85 9.68
O3 BMA C . -1.41 -14.25 8.40
O4 BMA C . -0.30 -17.00 7.00
O5 BMA C . -0.90 -17.28 10.62
O6 BMA C . 1.67 -17.79 9.78
C1 NAG D . 5.31 18.31 -2.74
C2 NAG D . 4.09 17.39 -2.79
C3 NAG D . 4.08 16.59 -4.11
C4 NAG D . 4.25 17.51 -5.31
C5 NAG D . 5.51 18.36 -5.11
C6 NAG D . 5.80 19.35 -6.20
C7 NAG D . 3.02 16.32 -0.85
C8 NAG D . 3.22 15.36 0.29
N2 NAG D . 4.08 16.51 -1.65
O1 NAG D . 5.22 19.11 -1.60
O3 NAG D . 2.88 15.84 -4.22
O4 NAG D . 4.36 16.70 -6.48
O5 NAG D . 5.35 19.12 -3.89
O6 NAG D . 7.07 19.98 -5.99
O7 NAG D . 1.95 16.88 -1.05
C1 BMA D . 3.89 17.24 -7.76
C2 BMA D . 3.28 16.10 -8.62
C3 BMA D . 2.08 15.53 -7.89
C4 BMA D . 1.14 16.69 -7.35
C5 BMA D . 1.59 18.07 -7.91
C6 BMA D . 0.80 19.24 -7.36
O2 BMA D . 4.22 15.05 -8.86
O3 BMA D . 2.50 14.61 -6.85
O4 BMA D . -0.17 16.43 -7.76
O5 BMA D . 2.96 18.33 -7.54
O6 BMA D . 1.01 19.26 -5.93
C1 AE3 E . -0.01 19.51 1.13
C2 AE3 E . 0.77 18.61 2.08
O2 AE3 E . 0.34 17.28 1.95
C3 AE3 E . 0.05 16.66 3.17
C4 AE3 E . -0.86 15.46 2.91
O3 AE3 E . -1.95 15.52 3.79
C5 AE3 E . -3.17 15.70 3.12
C6 AE3 E . -4.21 16.23 4.10
O4 AE3 E . -5.33 16.68 3.38
C1 AE3 F . 25.80 -4.83 -6.96
C2 AE3 F . 25.60 -4.87 -5.43
O2 AE3 F . 24.27 -5.21 -5.15
C3 AE3 F . 23.71 -4.46 -4.12
C4 AE3 F . 22.64 -3.55 -4.69
O3 AE3 F . 22.51 -2.40 -3.91
C5 AE3 F . 21.48 -1.54 -4.30
C6 AE3 F . 22.06 -0.38 -5.11
O4 AE3 F . 22.11 -0.72 -6.47
C1 AE3 G . 13.03 -11.15 6.59
C2 AE3 G . 11.57 -11.40 6.23
O2 AE3 G . 10.78 -11.15 7.36
C3 AE3 G . 9.43 -10.91 7.12
C4 AE3 G . 8.72 -10.92 8.47
O3 AE3 G . 8.39 -12.23 8.81
C5 AE3 G . 8.27 -12.45 10.18
C6 AE3 G . 7.56 -13.78 10.44
O4 AE3 G . 8.46 -14.85 10.34
C1 EDO H . 11.08 -15.56 -9.29
O1 EDO H . 12.12 -14.86 -9.95
C2 EDO H . 9.82 -15.18 -10.01
O2 EDO H . 10.18 -13.85 -10.42
S SO4 I . -11.88 -1.99 -29.25
O1 SO4 I . -12.23 -3.28 -28.68
O2 SO4 I . -11.64 -2.14 -30.68
O3 SO4 I . -12.98 -1.04 -29.04
O4 SO4 I . -10.68 -1.49 -28.59
S SO4 J . -16.74 7.97 -18.96
O1 SO4 J . -17.21 6.64 -18.61
O2 SO4 J . -16.28 7.97 -20.35
O3 SO4 J . -17.82 8.94 -18.80
O4 SO4 J . -15.63 8.34 -18.08
S SO4 K . -8.40 -5.53 -19.46
O1 SO4 K . -7.26 -6.41 -19.19
O2 SO4 K . -8.73 -5.59 -20.88
O3 SO4 K . -9.56 -5.96 -18.66
O4 SO4 K . -8.07 -4.16 -19.09
#